data_2PUN
#
_entry.id   2PUN
#
_cell.length_a   214.730
_cell.length_b   83.620
_cell.length_c   51.170
_cell.angle_alpha   90.00
_cell.angle_beta   90.00
_cell.angle_gamma   90.00
#
_symmetry.space_group_name_H-M   'P 21 21 2'
#
loop_
_entity.id
_entity.type
_entity.pdbx_description
1 polymer 'Methylthioribose kinase'
2 non-polymer 'MAGNESIUM ION'
3 non-polymer 3-[(3-CHOLAMIDOPROPYL)DIMETHYLAMMONIO]-1-PROPANESULFONATE
4 non-polymer 'PHOSPHOMETHYLPHOSPHONIC ACID ADENYLATE ESTER'
5 non-polymer 5-S-methyl-5-thio-alpha-D-ribofuranose
6 water water
#
_entity_poly.entity_id   1
_entity_poly.type   'polypeptide(L)'
_entity_poly.pdbx_seq_one_letter_code
;MGVTKTPLYETLNESSAVALAVKLGLFPSKSTLTCQEIGDGNLNYVFHIYDQEHDRALIIKQAVPYAKVVGESWPLTIDR
ARIESSALIRQGEHVPHLVPRVFYSDTEMAVTVMEDLSHLKIARKGLIEGENYPHLSQHIGEFLGKTLFYSSDYALEPKV
KKQLVKQFTNPELCDITERLVFTDPFFDHDTNDFEEELRPFVEKLWNNDSVKIEAAKLKKSFLTSAETLIHGDLHTGSIF
ASEHETKVIDPEFAFYGPIGFDVGQFIANLFLNALSRDGADREPLYEHVNQVWETFEETFSEAWQKDSLDVYANIDGYLT
DTLSHIFEEAIGFAGCELIRRTIGLAHVADLDTIVPFDKRIGRKRLALETGTAFIEKRSEFKTITDVIELFKLLVKE
;
_entity_poly.pdbx_strand_id   A,B
#
loop_
_chem_comp.id
_chem_comp.type
_chem_comp.name
_chem_comp.formula
ACP non-polymer 'PHOSPHOMETHYLPHOSPHONIC ACID ADENYLATE ESTER' 'C11 H18 N5 O12 P3'
CPS non-polymer 3-[(3-CHOLAMIDOPROPYL)DIMETHYLAMMONIO]-1-PROPANESULFONATE 'C32 H58 N2 O7 S'
MG non-polymer 'MAGNESIUM ION' 'Mg 2'
SR1 D-saccharide, alpha linking 5-S-methyl-5-thio-alpha-D-ribofuranose 'C6 H12 O4 S'
#
# COMPACT_ATOMS: atom_id res chain seq x y z
N THR A 6 6.80 -6.20 36.67
CA THR A 6 5.39 -5.82 37.01
C THR A 6 4.84 -4.72 36.09
N PRO A 7 3.56 -4.87 35.73
CA PRO A 7 2.82 -3.92 34.90
C PRO A 7 2.71 -2.56 35.56
N LEU A 8 3.01 -1.51 34.80
CA LEU A 8 2.96 -0.14 35.33
C LEU A 8 1.59 0.54 35.19
N TYR A 9 0.72 0.02 34.33
CA TYR A 9 -0.56 0.67 34.10
C TYR A 9 -1.46 0.76 35.34
N GLU A 10 -1.84 1.99 35.66
CA GLU A 10 -2.89 2.27 36.65
C GLU A 10 -3.81 3.35 36.12
N THR A 11 -5.11 3.13 36.25
CA THR A 11 -6.09 4.15 35.87
C THR A 11 -6.04 5.37 36.81
N LEU A 12 -5.84 6.55 36.21
CA LEU A 12 -5.71 7.81 36.94
C LEU A 12 -7.04 8.33 37.48
N ASN A 13 -6.94 9.09 38.56
CA ASN A 13 -8.03 9.97 38.97
C ASN A 13 -7.49 11.40 39.02
N GLU A 14 -8.31 12.31 39.52
CA GLU A 14 -7.99 13.73 39.56
C GLU A 14 -6.80 14.01 40.48
N SER A 15 -6.73 13.26 41.57
CA SER A 15 -5.60 13.32 42.49
C SER A 15 -4.33 12.69 41.87
N SER A 16 -4.45 11.47 41.36
CA SER A 16 -3.37 10.74 40.66
C SER A 16 -2.75 11.53 39.50
N ALA A 17 -3.61 12.24 38.77
CA ALA A 17 -3.21 13.06 37.64
C ALA A 17 -2.36 14.27 38.07
N VAL A 18 -2.81 14.98 39.11
CA VAL A 18 -1.98 16.02 39.77
C VAL A 18 -0.65 15.48 40.37
N ALA A 19 -0.66 14.25 40.89
CA ALA A 19 0.58 13.60 41.33
C ALA A 19 1.55 13.32 40.17
N LEU A 20 1.02 12.84 39.05
CA LEU A 20 1.83 12.62 37.87
C LEU A 20 2.42 13.92 37.30
N ALA A 21 1.57 14.93 37.03
CA ALA A 21 2.04 16.25 36.56
C ALA A 21 3.12 16.78 37.50
N VAL A 22 2.97 16.49 38.79
CA VAL A 22 3.92 16.86 39.85
C VAL A 22 5.29 16.21 39.62
N LYS A 23 5.32 14.87 39.56
CA LYS A 23 6.55 14.08 39.34
C LYS A 23 7.22 14.38 37.99
N LEU A 24 6.45 14.86 37.03
CA LEU A 24 6.98 15.55 35.87
C LEU A 24 6.94 17.03 36.25
N GLY A 25 8.07 17.56 36.68
CA GLY A 25 8.16 18.97 37.03
C GLY A 25 7.58 19.91 35.99
N LEU A 33 -2.56 23.27 42.97
CA LEU A 33 -3.27 23.16 41.60
C LEU A 33 -4.63 22.49 41.74
N THR A 34 -5.52 22.77 40.79
CA THR A 34 -6.81 22.09 40.75
C THR A 34 -6.98 21.26 39.47
N CYS A 35 -7.76 20.18 39.57
CA CYS A 35 -7.95 19.25 38.48
C CYS A 35 -9.41 18.83 38.32
N GLN A 36 -9.91 18.87 37.09
CA GLN A 36 -11.24 18.34 36.75
C GLN A 36 -11.18 17.40 35.54
N GLU A 37 -11.80 16.23 35.64
CA GLU A 37 -12.00 15.34 34.49
C GLU A 37 -13.08 15.90 33.55
N ILE A 38 -12.72 16.11 32.29
CA ILE A 38 -13.58 16.82 31.32
C ILE A 38 -13.78 16.07 29.98
N GLY A 39 -13.51 14.77 29.99
CA GLY A 39 -13.64 13.95 28.77
C GLY A 39 -15.05 13.79 28.23
N ASP A 40 -15.14 13.63 26.91
CA ASP A 40 -16.40 13.64 26.17
C ASP A 40 -16.98 12.22 25.99
N GLY A 41 -16.10 11.26 25.69
CA GLY A 41 -16.49 9.86 25.51
C GLY A 41 -16.26 9.03 26.76
N ASN A 42 -16.31 7.72 26.62
CA ASN A 42 -16.08 6.82 27.74
C ASN A 42 -14.83 5.93 27.58
N LEU A 43 -14.07 6.20 26.51
CA LEU A 43 -12.88 5.44 26.17
C LEU A 43 -11.57 6.13 26.58
N ASN A 44 -11.65 7.39 26.99
CA ASN A 44 -10.48 8.10 27.50
C ASN A 44 -10.87 9.02 28.67
N TYR A 45 -9.99 9.15 29.65
CA TYR A 45 -10.10 10.26 30.60
C TYR A 45 -9.30 11.44 30.08
N VAL A 46 -9.80 12.64 30.34
CA VAL A 46 -9.12 13.88 29.97
C VAL A 46 -9.11 14.73 31.24
N PHE A 47 -7.92 14.91 31.81
CA PHE A 47 -7.78 15.66 33.04
C PHE A 47 -7.23 17.06 32.76
N HIS A 48 -8.03 18.06 33.14
CA HIS A 48 -7.64 19.47 33.04
C HIS A 48 -7.04 19.91 34.37
N ILE A 49 -5.79 20.37 34.33
CA ILE A 49 -5.09 20.81 35.53
C ILE A 49 -4.65 22.26 35.39
N TYR A 50 -4.98 23.07 36.40
CA TYR A 50 -4.82 24.53 36.38
C TYR A 50 -3.98 25.03 37.56
N ASP A 51 -3.11 26.01 37.31
CA ASP A 51 -2.28 26.63 38.35
C ASP A 51 -2.54 28.13 38.52
N ARG A 56 -1.01 29.22 33.95
CA ARG A 56 -0.49 27.92 33.50
C ARG A 56 -1.54 26.81 33.66
N ALA A 57 -1.74 26.03 32.60
CA ALA A 57 -2.68 24.89 32.57
C ALA A 57 -2.14 23.73 31.74
N LEU A 58 -2.74 22.54 31.93
CA LEU A 58 -2.28 21.29 31.29
C LEU A 58 -3.42 20.29 31.07
N ILE A 59 -3.31 19.47 30.02
CA ILE A 59 -4.20 18.34 29.79
C ILE A 59 -3.46 17.01 29.89
N ILE A 60 -4.03 16.08 30.65
CA ILE A 60 -3.54 14.71 30.71
C ILE A 60 -4.66 13.79 30.25
N LYS A 61 -4.45 13.19 29.08
CA LYS A 61 -5.36 12.23 28.50
C LYS A 61 -4.83 10.84 28.76
N GLN A 62 -5.71 9.94 29.21
CA GLN A 62 -5.37 8.53 29.47
C GLN A 62 -6.44 7.62 28.90
N ALA A 63 -5.99 6.57 28.21
CA ALA A 63 -6.90 5.58 27.65
C ALA A 63 -7.47 4.71 28.76
N VAL A 64 -8.74 4.35 28.61
CA VAL A 64 -9.44 3.50 29.56
C VAL A 64 -9.55 2.11 28.93
N PRO A 65 -9.07 1.06 29.62
CA PRO A 65 -9.15 -0.31 29.08
C PRO A 65 -10.58 -0.82 29.07
N TYR A 66 -10.86 -1.76 28.17
CA TYR A 66 -12.22 -2.18 27.83
C TYR A 66 -13.41 -1.94 28.87
N ALA A 67 -13.51 -2.54 30.05
CA ALA A 67 -12.84 -3.69 30.64
C ALA A 67 -12.47 -3.44 32.10
N LYS A 68 -13.03 -2.43 32.77
CA LYS A 68 -13.95 -1.42 32.25
C LYS A 68 -13.45 -0.03 32.72
N VAL A 69 -14.06 1.12 32.37
CA VAL A 69 -14.90 1.44 31.17
C VAL A 69 -16.43 1.35 31.24
N VAL A 70 -17.07 2.51 31.33
CA VAL A 70 -18.49 2.56 31.67
C VAL A 70 -19.39 2.73 30.43
N GLY A 71 -20.29 1.76 30.26
CA GLY A 71 -21.21 1.78 29.12
C GLY A 71 -20.63 1.03 27.94
N GLU A 72 -21.51 0.65 27.01
CA GLU A 72 -21.16 -0.12 25.82
C GLU A 72 -20.05 0.57 25.01
N SER A 73 -19.10 -0.23 24.52
CA SER A 73 -18.01 0.28 23.71
C SER A 73 -17.50 -0.77 22.73
N TRP A 74 -16.77 -0.31 21.72
CA TRP A 74 -16.01 -1.15 20.82
C TRP A 74 -14.77 -1.64 21.59
N PRO A 75 -14.57 -2.98 21.74
CA PRO A 75 -13.43 -3.49 22.55
C PRO A 75 -12.05 -3.16 21.94
N LEU A 76 -11.25 -2.37 22.65
CA LEU A 76 -9.96 -1.90 22.15
C LEU A 76 -8.87 -1.94 23.23
N THR A 77 -7.65 -2.34 22.84
CA THR A 77 -6.49 -2.22 23.74
C THR A 77 -6.20 -0.74 23.92
N ILE A 78 -5.19 -0.46 24.75
CA ILE A 78 -4.76 0.90 25.05
C ILE A 78 -3.54 1.34 24.20
N ASP A 79 -3.19 0.49 23.24
CA ASP A 79 -2.14 0.76 22.24
C ASP A 79 -2.40 2.02 21.41
N ARG A 80 -3.67 2.30 21.14
CA ARG A 80 -4.15 3.54 20.54
C ARG A 80 -3.51 4.82 21.10
N ALA A 81 -3.19 4.83 22.39
CA ALA A 81 -2.49 5.96 23.04
C ALA A 81 -1.06 6.19 22.53
N ARG A 82 -0.32 5.10 22.32
CA ARG A 82 0.99 5.15 21.67
C ARG A 82 0.92 5.77 20.25
N ILE A 83 -0.08 5.36 19.48
CA ILE A 83 -0.31 5.90 18.15
C ILE A 83 -0.62 7.41 18.23
N GLU A 84 -1.60 7.77 19.07
CA GLU A 84 -2.01 9.17 19.21
C GLU A 84 -0.88 10.12 19.64
N SER A 85 -0.13 9.77 20.70
CA SER A 85 1.04 10.54 21.15
C SER A 85 2.08 10.73 20.04
N SER A 86 2.49 9.63 19.41
CA SER A 86 3.53 9.67 18.44
C SER A 86 3.05 10.37 17.17
N ALA A 87 1.78 10.17 16.79
CA ALA A 87 1.17 10.91 15.67
C ALA A 87 1.17 12.42 15.91
N LEU A 88 0.77 12.84 17.12
CA LEU A 88 0.72 14.27 17.47
C LEU A 88 2.09 14.91 17.46
N ILE A 89 3.09 14.16 17.89
CA ILE A 89 4.48 14.64 17.96
C ILE A 89 5.02 14.83 16.56
N ARG A 90 4.81 13.84 15.70
CA ARG A 90 5.18 13.95 14.28
C ARG A 90 4.55 15.13 13.57
N GLN A 91 3.26 15.35 13.80
CA GLN A 91 2.54 16.46 13.20
C GLN A 91 3.10 17.82 13.63
N GLY A 92 3.47 17.93 14.91
CA GLY A 92 4.06 19.16 15.44
C GLY A 92 5.45 19.49 14.95
N GLU A 93 6.07 18.59 14.20
CA GLU A 93 7.37 18.86 13.61
C GLU A 93 7.22 19.68 12.32
N HIS A 94 6.00 19.74 11.80
CA HIS A 94 5.71 20.38 10.52
C HIS A 94 4.68 21.49 10.63
N VAL A 95 3.71 21.28 11.52
CA VAL A 95 2.63 22.21 11.73
C VAL A 95 2.39 22.44 13.22
N PRO A 96 3.45 22.89 13.97
CA PRO A 96 3.37 23.01 15.44
C PRO A 96 2.27 23.98 15.91
N HIS A 97 1.85 24.88 15.02
CA HIS A 97 0.81 25.87 15.30
C HIS A 97 -0.61 25.35 15.03
N LEU A 98 -0.71 24.13 14.51
CA LEU A 98 -2.02 23.53 14.17
C LEU A 98 -2.35 22.25 14.96
N VAL A 99 -1.53 21.94 15.96
CA VAL A 99 -1.74 20.78 16.81
C VAL A 99 -1.33 21.19 18.21
N PRO A 100 -1.92 20.56 19.26
CA PRO A 100 -1.46 20.82 20.63
C PRO A 100 -0.03 20.32 20.83
N ARG A 101 0.77 21.09 21.56
CA ARG A 101 2.08 20.65 22.03
C ARG A 101 1.92 19.47 23.00
N VAL A 102 2.82 18.49 22.86
CA VAL A 102 2.89 17.30 23.72
C VAL A 102 4.12 17.46 24.61
N PHE A 103 3.93 17.37 25.93
CA PHE A 103 5.01 17.57 26.92
C PHE A 103 5.60 16.27 27.44
N TYR A 104 4.81 15.20 27.41
CA TYR A 104 5.15 13.89 27.92
C TYR A 104 4.18 12.86 27.36
N SER A 105 4.70 11.66 27.07
CA SER A 105 3.84 10.53 26.78
C SER A 105 4.47 9.25 27.30
N ASP A 106 3.64 8.23 27.49
CA ASP A 106 4.03 6.98 28.10
C ASP A 106 3.07 5.91 27.60
N THR A 107 3.60 4.88 26.95
CA THR A 107 2.72 3.89 26.30
C THR A 107 2.12 2.89 27.31
N GLU A 108 2.90 2.49 28.33
CA GLU A 108 2.39 1.54 29.32
C GLU A 108 1.24 2.12 30.12
N MET A 109 1.39 3.38 30.58
CA MET A 109 0.32 4.10 31.27
C MET A 109 -0.75 4.58 30.29
N ALA A 110 -0.41 4.58 29.00
CA ALA A 110 -1.32 5.01 27.92
C ALA A 110 -1.73 6.48 28.08
N VAL A 111 -0.70 7.32 28.29
CA VAL A 111 -0.86 8.69 28.75
C VAL A 111 -0.25 9.65 27.74
N THR A 112 -1.01 10.68 27.37
CA THR A 112 -0.48 11.82 26.61
C THR A 112 -0.69 13.11 27.42
N VAL A 113 0.41 13.78 27.78
CA VAL A 113 0.32 15.09 28.44
C VAL A 113 0.53 16.18 27.40
N MET A 114 -0.47 17.05 27.28
CA MET A 114 -0.50 18.03 26.19
C MET A 114 -0.95 19.43 26.59
N GLU A 115 -0.77 20.36 25.67
CA GLU A 115 -1.23 21.74 25.79
C GLU A 115 -2.75 21.83 26.01
N ASP A 116 -3.14 22.70 26.93
CA ASP A 116 -4.54 23.00 27.22
C ASP A 116 -5.13 23.89 26.12
N LEU A 117 -6.24 23.45 25.52
CA LEU A 117 -6.93 24.24 24.50
C LEU A 117 -8.38 24.56 24.85
N SER A 118 -8.70 24.67 26.13
CA SER A 118 -10.10 24.89 26.54
C SER A 118 -10.61 26.32 26.34
N HIS A 119 -9.77 27.22 25.85
CA HIS A 119 -10.22 28.55 25.41
C HIS A 119 -10.77 28.47 23.97
N LEU A 120 -10.62 27.31 23.33
CA LEU A 120 -11.20 27.07 22.00
C LEU A 120 -12.45 26.21 22.10
N LYS A 121 -13.16 26.09 20.98
CA LYS A 121 -14.37 25.29 20.93
C LYS A 121 -14.21 24.24 19.85
N ILE A 122 -14.82 23.08 20.07
CA ILE A 122 -14.86 22.02 19.08
C ILE A 122 -15.57 22.54 17.85
N ALA A 123 -14.94 22.36 16.68
CA ALA A 123 -15.42 22.98 15.45
C ALA A 123 -16.86 22.60 15.11
N ARG A 124 -17.19 21.31 15.27
CA ARG A 124 -18.54 20.82 14.96
C ARG A 124 -19.60 21.58 15.75
N LYS A 125 -19.34 21.76 17.05
CA LYS A 125 -20.25 22.42 17.97
C LYS A 125 -20.46 23.87 17.56
N GLY A 126 -19.37 24.59 17.35
CA GLY A 126 -19.46 25.96 16.84
C GLY A 126 -20.21 26.08 15.53
N LEU A 127 -19.95 25.17 14.60
CA LEU A 127 -20.59 25.23 13.27
C LEU A 127 -22.08 25.04 13.36
N ILE A 128 -22.51 24.08 14.18
CA ILE A 128 -23.92 23.87 14.51
C ILE A 128 -24.55 25.11 15.21
N GLU A 129 -23.77 25.76 16.07
CA GLU A 129 -24.20 27.00 16.72
C GLU A 129 -24.30 28.18 15.74
N GLY A 130 -23.75 28.01 14.54
CA GLY A 130 -23.77 29.08 13.54
C GLY A 130 -22.48 29.90 13.44
N GLU A 131 -21.42 29.46 14.11
CA GLU A 131 -20.09 30.04 13.93
C GLU A 131 -19.59 29.72 12.53
N ASN A 132 -18.88 30.66 11.91
CA ASN A 132 -18.42 30.46 10.52
C ASN A 132 -16.91 30.18 10.37
N TYR A 133 -16.12 30.51 11.40
CA TYR A 133 -14.68 30.22 11.46
C TYR A 133 -13.93 30.57 10.16
N PRO A 134 -13.74 31.88 9.89
CA PRO A 134 -13.26 32.32 8.55
C PRO A 134 -11.94 31.70 8.07
N HIS A 135 -11.10 31.24 9.00
CA HIS A 135 -9.79 30.70 8.64
C HIS A 135 -9.70 29.18 8.76
N LEU A 136 -10.81 28.52 9.10
CA LEU A 136 -10.81 27.07 9.36
C LEU A 136 -10.23 26.27 8.20
N SER A 137 -10.70 26.57 6.99
CA SER A 137 -10.25 25.88 5.80
C SER A 137 -8.83 26.24 5.37
N GLN A 138 -8.41 27.50 5.55
CA GLN A 138 -7.01 27.86 5.36
C GLN A 138 -6.13 26.99 6.25
N HIS A 139 -6.46 26.94 7.54
CA HIS A 139 -5.62 26.18 8.50
C HIS A 139 -5.65 24.67 8.23
N ILE A 140 -6.83 24.11 8.04
CA ILE A 140 -6.94 22.67 7.79
C ILE A 140 -6.25 22.27 6.49
N GLY A 141 -6.32 23.15 5.48
CA GLY A 141 -5.68 22.92 4.19
C GLY A 141 -4.16 22.85 4.33
N GLU A 142 -3.59 23.75 5.15
CA GLU A 142 -2.16 23.74 5.49
C GLU A 142 -1.79 22.48 6.28
N PHE A 143 -2.53 22.20 7.36
CA PHE A 143 -2.40 20.94 8.08
C PHE A 143 -2.35 19.78 7.09
N LEU A 144 -3.32 19.69 6.20
CA LEU A 144 -3.41 18.55 5.31
C LEU A 144 -2.23 18.46 4.31
N GLY A 145 -1.86 19.59 3.71
CA GLY A 145 -0.80 19.61 2.70
C GLY A 145 0.55 19.22 3.27
N LYS A 146 0.85 19.73 4.46
CA LYS A 146 2.14 19.51 5.07
C LYS A 146 2.26 18.15 5.73
N THR A 147 1.26 17.79 6.54
CA THR A 147 1.27 16.47 7.17
C THR A 147 1.31 15.37 6.10
N LEU A 148 0.48 15.49 5.07
CA LEU A 148 0.36 14.41 4.10
C LEU A 148 1.58 14.32 3.19
N PHE A 149 2.16 15.46 2.83
CA PHE A 149 3.41 15.44 2.09
C PHE A 149 4.62 14.89 2.85
N TYR A 150 4.88 15.43 4.04
CA TYR A 150 6.17 15.24 4.72
C TYR A 150 6.39 13.88 5.35
N SER A 151 5.37 13.02 5.31
CA SER A 151 5.51 11.65 5.78
C SER A 151 5.42 10.64 4.63
N SER A 152 5.49 11.11 3.39
CA SER A 152 5.40 10.21 2.23
C SER A 152 6.76 9.89 1.63
N ASP A 153 6.75 9.00 0.64
CA ASP A 153 7.93 8.67 -0.14
C ASP A 153 8.46 9.89 -0.92
N TYR A 154 7.61 10.88 -1.16
CA TYR A 154 8.03 12.07 -1.92
C TYR A 154 9.04 12.89 -1.13
N ALA A 155 8.86 12.93 0.20
CA ALA A 155 9.63 13.70 1.15
C ALA A 155 10.70 12.92 1.91
N LEU A 156 10.44 11.62 2.11
CA LEU A 156 11.27 10.75 2.93
C LEU A 156 12.00 9.69 2.12
N GLU A 157 13.25 9.38 2.51
CA GLU A 157 13.99 8.23 1.93
C GLU A 157 13.13 6.98 2.18
N PRO A 158 12.98 6.11 1.16
CA PRO A 158 12.01 5.02 1.29
C PRO A 158 12.28 4.04 2.44
N LYS A 159 13.57 3.88 2.79
CA LYS A 159 13.98 3.02 3.90
C LYS A 159 13.48 3.58 5.23
N VAL A 160 13.54 4.90 5.38
CA VAL A 160 13.01 5.59 6.55
C VAL A 160 11.48 5.47 6.62
N LYS A 161 10.81 5.67 5.48
CA LYS A 161 9.36 5.59 5.42
C LYS A 161 8.83 4.19 5.74
N LYS A 162 9.50 3.16 5.24
CA LYS A 162 9.16 1.76 5.53
C LYS A 162 9.20 1.39 7.02
N GLN A 163 10.13 1.97 7.78
CA GLN A 163 10.15 1.82 9.25
C GLN A 163 9.00 2.55 9.92
N LEU A 164 8.71 3.78 9.49
CA LEU A 164 7.54 4.55 9.96
C LEU A 164 6.19 3.83 9.70
N VAL A 165 6.10 3.06 8.60
CA VAL A 165 4.93 2.21 8.29
C VAL A 165 4.73 1.13 9.39
N LYS A 166 5.82 0.50 9.83
CA LYS A 166 5.79 -0.50 10.91
C LYS A 166 5.33 0.11 12.21
N GLN A 167 5.98 1.23 12.53
CA GLN A 167 5.78 1.95 13.78
C GLN A 167 4.34 2.44 13.93
N PHE A 168 3.72 2.82 12.81
CA PHE A 168 2.35 3.31 12.83
C PHE A 168 1.28 2.33 12.33
N THR A 169 1.64 1.06 12.19
CA THR A 169 0.63 0.03 11.91
C THR A 169 -0.42 0.09 13.02
N ASN A 170 -1.69 0.15 12.62
CA ASN A 170 -2.81 0.44 13.51
C ASN A 170 -3.99 -0.51 13.26
N PRO A 171 -3.81 -1.82 13.56
CA PRO A 171 -4.78 -2.81 13.13
C PRO A 171 -6.22 -2.65 13.63
N GLU A 172 -6.36 -2.43 14.93
CA GLU A 172 -7.64 -2.35 15.62
C GLU A 172 -8.48 -1.17 15.18
N LEU A 173 -7.82 -0.01 15.07
CA LEU A 173 -8.46 1.24 14.70
C LEU A 173 -8.77 1.25 13.20
N CYS A 174 -7.88 0.68 12.38
CA CYS A 174 -8.15 0.49 10.96
C CYS A 174 -9.33 -0.46 10.76
N ASP A 175 -9.42 -1.47 11.60
CA ASP A 175 -10.54 -2.42 11.55
C ASP A 175 -11.89 -1.69 11.73
N ILE A 176 -11.95 -0.71 12.64
CA ILE A 176 -13.12 0.14 12.82
C ILE A 176 -13.46 0.87 11.54
N THR A 177 -12.48 1.55 10.92
CA THR A 177 -12.74 2.31 9.72
C THR A 177 -13.11 1.39 8.53
N GLU A 178 -12.42 0.26 8.42
CA GLU A 178 -12.66 -0.67 7.34
C GLU A 178 -14.11 -1.17 7.37
N ARG A 179 -14.61 -1.45 8.56
CA ARG A 179 -15.99 -1.90 8.70
C ARG A 179 -17.01 -0.77 8.54
N LEU A 180 -16.78 0.35 9.21
CA LEU A 180 -17.82 1.35 9.41
C LEU A 180 -17.93 2.32 8.25
N VAL A 181 -16.79 2.77 7.75
CA VAL A 181 -16.76 3.67 6.61
C VAL A 181 -16.98 2.97 5.27
N PHE A 182 -16.39 1.77 5.12
CA PHE A 182 -16.26 1.13 3.79
C PHE A 182 -17.16 -0.08 3.50
N THR A 183 -17.80 -0.65 4.51
CA THR A 183 -18.44 -1.97 4.37
C THR A 183 -19.89 -1.97 4.88
N ASP A 184 -20.07 -1.70 6.17
CA ASP A 184 -21.35 -1.97 6.86
C ASP A 184 -22.55 -1.18 6.34
N PRO A 185 -22.39 0.13 6.03
CA PRO A 185 -23.51 0.88 5.47
C PRO A 185 -23.98 0.37 4.10
N PHE A 186 -23.22 -0.49 3.46
CA PHE A 186 -23.56 -0.95 2.10
C PHE A 186 -24.25 -2.33 2.07
N PHE A 187 -24.50 -2.91 3.24
CA PHE A 187 -25.26 -4.16 3.40
C PHE A 187 -26.13 -4.07 4.63
N ASP A 188 -27.01 -5.05 4.79
CA ASP A 188 -27.85 -5.10 5.96
C ASP A 188 -27.04 -5.71 7.11
N HIS A 189 -26.13 -4.91 7.64
CA HIS A 189 -25.23 -5.34 8.70
C HIS A 189 -25.68 -4.76 10.04
N ASP A 190 -25.32 -5.48 11.11
CA ASP A 190 -25.86 -5.25 12.44
C ASP A 190 -25.47 -3.90 13.07
N THR A 191 -24.36 -3.29 12.62
CA THR A 191 -23.88 -2.03 13.19
C THR A 191 -24.60 -0.79 12.66
N ASN A 192 -25.39 -0.98 11.61
CA ASN A 192 -26.11 0.13 10.99
C ASN A 192 -27.19 0.65 11.94
N ASP A 193 -27.55 1.91 11.80
CA ASP A 193 -28.49 2.53 12.74
C ASP A 193 -29.17 3.70 12.02
N PHE A 194 -30.41 3.49 11.60
CA PHE A 194 -31.16 4.49 10.83
C PHE A 194 -32.66 4.45 11.13
N GLU A 195 -33.33 5.58 10.90
CA GLU A 195 -34.78 5.67 11.10
C GLU A 195 -35.46 4.80 10.07
N GLU A 196 -36.56 4.18 10.47
CA GLU A 196 -37.35 3.34 9.58
C GLU A 196 -37.79 4.08 8.31
N GLU A 197 -38.14 5.35 8.47
CA GLU A 197 -38.55 6.20 7.35
C GLU A 197 -37.52 6.25 6.23
N LEU A 198 -36.25 6.15 6.60
CA LEU A 198 -35.13 6.13 5.65
C LEU A 198 -34.92 4.82 4.88
N ARG A 199 -35.55 3.73 5.32
CA ARG A 199 -35.31 2.40 4.72
C ARG A 199 -35.41 2.30 3.19
N PRO A 200 -36.46 2.88 2.56
CA PRO A 200 -36.53 2.76 1.10
C PRO A 200 -35.28 3.27 0.39
N PHE A 201 -34.70 4.35 0.94
CA PHE A 201 -33.53 4.98 0.36
C PHE A 201 -32.30 4.15 0.67
N VAL A 202 -32.29 3.57 1.87
CA VAL A 202 -31.19 2.74 2.32
C VAL A 202 -31.11 1.47 1.48
N GLU A 203 -32.26 0.88 1.18
CA GLU A 203 -32.35 -0.29 0.30
C GLU A 203 -32.03 -0.01 -1.15
N LYS A 204 -32.34 1.19 -1.63
CA LYS A 204 -31.83 1.62 -2.95
C LYS A 204 -30.31 1.44 -2.97
N LEU A 205 -29.63 1.88 -1.91
CA LEU A 205 -28.17 1.78 -1.82
C LEU A 205 -27.70 0.34 -1.83
N TRP A 206 -28.33 -0.48 -0.98
CA TRP A 206 -27.97 -1.88 -0.85
C TRP A 206 -28.12 -2.65 -2.15
N ASN A 207 -29.08 -2.26 -2.97
CA ASN A 207 -29.32 -2.98 -4.24
C ASN A 207 -28.54 -2.39 -5.42
N ASN A 208 -27.77 -1.34 -5.15
CA ASN A 208 -26.98 -0.68 -6.15
C ASN A 208 -25.61 -1.33 -6.23
N ASP A 209 -25.41 -2.17 -7.25
CA ASP A 209 -24.16 -2.91 -7.35
C ASP A 209 -22.97 -2.10 -7.87
N SER A 210 -23.22 -1.09 -8.70
CA SER A 210 -22.12 -0.33 -9.32
C SER A 210 -21.46 0.65 -8.36
N VAL A 211 -22.25 1.18 -7.43
CA VAL A 211 -21.68 1.99 -6.35
C VAL A 211 -20.98 1.11 -5.33
N LYS A 212 -21.46 -0.10 -5.12
CA LYS A 212 -20.84 -1.03 -4.15
C LYS A 212 -19.44 -1.52 -4.60
N ILE A 213 -19.34 -1.94 -5.85
CA ILE A 213 -18.06 -2.18 -6.54
C ILE A 213 -17.06 -1.01 -6.39
N GLU A 214 -17.54 0.23 -6.48
CA GLU A 214 -16.65 1.42 -6.31
C GLU A 214 -16.25 1.63 -4.86
N ALA A 215 -17.17 1.31 -3.94
CA ALA A 215 -16.89 1.33 -2.51
C ALA A 215 -15.81 0.28 -2.16
N ALA A 216 -15.93 -0.91 -2.74
CA ALA A 216 -14.94 -1.97 -2.64
C ALA A 216 -13.55 -1.49 -3.07
N LYS A 217 -13.50 -0.78 -4.19
CA LYS A 217 -12.25 -0.22 -4.74
C LYS A 217 -11.60 0.81 -3.84
N LEU A 218 -12.43 1.69 -3.27
CA LEU A 218 -11.94 2.72 -2.34
C LEU A 218 -11.43 2.10 -1.03
N LYS A 219 -12.09 1.02 -0.62
CA LYS A 219 -11.72 0.24 0.55
C LYS A 219 -10.36 -0.43 0.34
N LYS A 220 -10.20 -1.04 -0.83
CA LYS A 220 -8.96 -1.71 -1.22
C LYS A 220 -7.81 -0.69 -1.18
N SER A 221 -8.07 0.52 -1.65
CA SER A 221 -7.09 1.59 -1.53
C SER A 221 -6.77 1.84 -0.05
N PHE A 222 -7.82 1.94 0.78
CA PHE A 222 -7.63 2.14 2.21
C PHE A 222 -6.77 1.03 2.85
N LEU A 223 -6.98 -0.20 2.38
CA LEU A 223 -6.36 -1.39 2.93
C LEU A 223 -4.92 -1.56 2.51
N THR A 224 -4.55 -1.06 1.33
CA THR A 224 -3.30 -1.40 0.69
C THR A 224 -2.41 -0.19 0.33
N SER A 225 -3.01 0.99 0.20
CA SER A 225 -2.24 2.13 -0.30
C SER A 225 -1.50 2.83 0.81
N ALA A 226 -0.33 2.32 1.18
CA ALA A 226 0.50 2.95 2.24
C ALA A 226 1.24 4.17 1.75
N GLU A 227 0.50 5.23 1.42
CA GLU A 227 1.14 6.44 0.83
C GLU A 227 1.75 7.43 1.79
N THR A 228 1.08 7.70 2.91
CA THR A 228 1.58 8.63 3.92
C THR A 228 1.00 8.31 5.28
N LEU A 229 1.51 8.99 6.31
CA LEU A 229 0.96 8.86 7.64
C LEU A 229 -0.23 9.78 7.73
N ILE A 230 -1.42 9.19 7.81
CA ILE A 230 -2.64 9.98 7.87
C ILE A 230 -3.14 10.16 9.31
N HIS A 231 -4.06 11.11 9.52
CA HIS A 231 -4.73 11.31 10.79
C HIS A 231 -5.75 10.16 10.98
N GLY A 232 -6.50 9.87 9.92
CA GLY A 232 -7.43 8.74 9.90
C GLY A 232 -8.81 8.96 10.49
N ASP A 233 -9.07 10.13 11.05
CA ASP A 233 -10.42 10.45 11.58
C ASP A 233 -10.65 11.97 11.68
N LEU A 234 -10.26 12.69 10.64
CA LEU A 234 -10.31 14.15 10.63
C LEU A 234 -11.69 14.70 10.33
N HIS A 235 -12.57 14.64 11.32
CA HIS A 235 -13.88 15.22 11.23
C HIS A 235 -13.90 16.55 12.03
N THR A 236 -15.01 17.27 11.99
CA THR A 236 -15.12 18.57 12.61
C THR A 236 -15.19 18.49 14.14
N GLY A 237 -15.45 17.29 14.65
CA GLY A 237 -15.41 17.02 16.07
C GLY A 237 -14.01 16.68 16.60
N SER A 238 -13.05 16.49 15.69
CA SER A 238 -11.63 16.27 16.04
C SER A 238 -10.81 17.54 15.82
N ILE A 239 -11.45 18.71 15.86
CA ILE A 239 -10.75 20.00 15.65
C ILE A 239 -11.25 21.05 16.65
N PHE A 240 -10.31 21.79 17.25
CA PHE A 240 -10.63 22.92 18.10
C PHE A 240 -10.54 24.18 17.26
N ALA A 241 -11.48 25.09 17.48
CA ALA A 241 -11.56 26.30 16.66
C ALA A 241 -11.96 27.56 17.44
N SER A 242 -11.55 28.70 16.90
CA SER A 242 -12.07 30.01 17.25
C SER A 242 -11.84 30.88 16.01
N GLU A 243 -12.20 32.16 16.08
CA GLU A 243 -12.06 33.02 14.89
C GLU A 243 -10.65 33.02 14.29
N HIS A 244 -9.64 32.94 15.15
CA HIS A 244 -8.25 33.07 14.70
C HIS A 244 -7.37 31.83 14.86
N GLU A 245 -7.87 30.78 15.50
CA GLU A 245 -7.08 29.59 15.83
C GLU A 245 -7.77 28.30 15.41
N THR A 246 -6.98 27.31 15.01
CA THR A 246 -7.46 25.98 14.69
C THR A 246 -6.39 25.01 15.17
N LYS A 247 -6.83 23.90 15.77
CA LYS A 247 -5.95 22.90 16.35
C LYS A 247 -6.58 21.54 16.10
N VAL A 248 -5.82 20.67 15.43
CA VAL A 248 -6.33 19.35 15.08
C VAL A 248 -5.91 18.41 16.19
N ILE A 249 -6.91 17.71 16.75
CA ILE A 249 -6.68 16.83 17.88
C ILE A 249 -6.97 15.36 17.53
N ASP A 250 -6.62 14.47 18.47
CA ASP A 250 -6.97 13.04 18.43
C ASP A 250 -6.61 12.24 17.16
N PRO A 251 -5.30 12.18 16.79
CA PRO A 251 -4.90 11.31 15.68
C PRO A 251 -4.73 9.83 16.08
N GLU A 252 -5.61 9.30 16.91
CA GLU A 252 -5.52 7.91 17.32
C GLU A 252 -5.66 6.93 16.17
N PHE A 253 -6.29 7.37 15.08
CA PHE A 253 -6.51 6.52 13.90
C PHE A 253 -5.33 6.56 12.91
N ALA A 254 -4.24 7.26 13.26
CA ALA A 254 -3.10 7.40 12.37
C ALA A 254 -2.52 6.07 11.92
N PHE A 255 -2.25 5.95 10.61
CA PHE A 255 -1.49 4.84 10.01
C PHE A 255 -1.08 5.24 8.61
N TYR A 256 -0.29 4.41 7.93
CA TYR A 256 0.05 4.64 6.53
C TYR A 256 -1.02 4.21 5.55
N GLY A 257 -1.71 5.23 5.03
CA GLY A 257 -2.88 5.03 4.18
C GLY A 257 -2.88 6.03 3.02
N PRO A 258 -3.99 6.07 2.25
CA PRO A 258 -4.08 6.95 1.05
C PRO A 258 -4.15 8.45 1.40
N ILE A 259 -3.36 9.26 0.69
CA ILE A 259 -3.31 10.73 0.93
C ILE A 259 -4.69 11.39 0.87
N GLY A 260 -5.55 10.94 -0.04
CA GLY A 260 -6.89 11.50 -0.19
C GLY A 260 -7.87 11.28 0.96
N PHE A 261 -7.55 10.34 1.86
CA PHE A 261 -8.52 9.97 2.92
C PHE A 261 -8.92 11.11 3.87
N ASP A 262 -7.93 11.72 4.55
CA ASP A 262 -8.17 12.83 5.47
C ASP A 262 -8.87 13.98 4.81
N VAL A 263 -8.49 14.26 3.57
CA VAL A 263 -9.10 15.33 2.77
C VAL A 263 -10.61 15.07 2.50
N GLY A 264 -10.94 13.86 2.11
CA GLY A 264 -12.33 13.47 1.87
C GLY A 264 -13.19 13.53 3.12
N GLN A 265 -12.71 12.94 4.20
CA GLN A 265 -13.42 12.98 5.49
C GLN A 265 -13.70 14.40 5.97
N PHE A 266 -12.70 15.26 5.92
CA PHE A 266 -12.92 16.64 6.30
C PHE A 266 -13.96 17.33 5.39
N ILE A 267 -13.77 17.23 4.09
CA ILE A 267 -14.69 17.82 3.14
C ILE A 267 -16.11 17.29 3.35
N ALA A 268 -16.25 15.98 3.59
CA ALA A 268 -17.58 15.39 3.84
C ALA A 268 -18.27 16.00 5.07
N ASN A 269 -17.49 16.30 6.12
CA ASN A 269 -18.03 16.89 7.32
C ASN A 269 -18.42 18.35 7.23
N LEU A 270 -17.77 19.08 6.31
CA LEU A 270 -18.21 20.42 5.90
C LEU A 270 -19.55 20.38 5.16
N PHE A 271 -19.70 19.41 4.27
CA PHE A 271 -20.96 19.18 3.56
C PHE A 271 -22.07 18.68 4.49
N LEU A 272 -21.72 17.85 5.47
CA LEU A 272 -22.69 17.38 6.47
C LEU A 272 -23.29 18.55 7.28
N ASN A 273 -22.44 19.51 7.64
CA ASN A 273 -22.89 20.74 8.26
C ASN A 273 -23.77 21.60 7.36
N ALA A 274 -23.38 21.73 6.10
CA ALA A 274 -24.20 22.40 5.09
C ALA A 274 -25.59 21.80 4.95
N LEU A 275 -25.71 20.47 4.99
CA LEU A 275 -27.05 19.82 4.97
C LEU A 275 -27.93 20.18 6.17
N SER A 276 -27.29 20.49 7.30
CA SER A 276 -28.04 20.84 8.52
C SER A 276 -28.45 22.31 8.55
N ARG A 277 -27.89 23.10 7.65
CA ARG A 277 -28.20 24.51 7.53
C ARG A 277 -29.22 24.72 6.40
N ASP A 278 -29.72 25.95 6.27
CA ASP A 278 -30.71 26.30 5.24
C ASP A 278 -30.18 27.43 4.38
N GLY A 279 -30.49 27.40 3.09
CA GLY A 279 -30.38 28.57 2.26
C GLY A 279 -29.01 29.23 2.26
N ALA A 280 -29.01 30.54 2.48
CA ALA A 280 -27.80 31.35 2.39
C ALA A 280 -26.83 31.10 3.54
N ASP A 281 -27.31 30.41 4.58
CA ASP A 281 -26.45 29.98 5.69
C ASP A 281 -25.39 28.98 5.26
N ARG A 282 -25.70 28.21 4.23
CA ARG A 282 -24.82 27.16 3.75
C ARG A 282 -23.55 27.67 3.10
N GLU A 283 -23.59 28.91 2.64
CA GLU A 283 -22.52 29.47 1.80
C GLU A 283 -21.10 29.47 2.43
N PRO A 284 -20.97 29.86 3.72
CA PRO A 284 -19.67 29.66 4.40
C PRO A 284 -19.07 28.25 4.31
N LEU A 285 -19.90 27.21 4.39
CA LEU A 285 -19.43 25.82 4.28
C LEU A 285 -18.92 25.45 2.88
N TYR A 286 -19.62 25.93 1.85
CA TYR A 286 -19.19 25.79 0.46
C TYR A 286 -17.87 26.54 0.17
N GLU A 287 -17.73 27.77 0.69
CA GLU A 287 -16.43 28.45 0.66
C GLU A 287 -15.33 27.65 1.39
N HIS A 288 -15.65 27.06 2.54
CA HIS A 288 -14.68 26.22 3.25
C HIS A 288 -14.21 24.97 2.48
N VAL A 289 -15.12 24.37 1.72
CA VAL A 289 -14.79 23.20 0.91
C VAL A 289 -13.87 23.62 -0.22
N ASN A 290 -14.26 24.70 -0.90
CA ASN A 290 -13.47 25.26 -1.98
C ASN A 290 -12.07 25.65 -1.50
N GLN A 291 -12.01 26.35 -0.36
CA GLN A 291 -10.74 26.83 0.21
C GLN A 291 -9.87 25.68 0.74
N VAL A 292 -10.47 24.65 1.34
CA VAL A 292 -9.63 23.57 1.89
C VAL A 292 -8.98 22.76 0.77
N TRP A 293 -9.69 22.53 -0.35
CA TRP A 293 -9.02 21.94 -1.47
C TRP A 293 -7.94 22.88 -2.05
N GLU A 294 -8.30 24.14 -2.26
CA GLU A 294 -7.41 25.11 -2.84
C GLU A 294 -6.11 25.17 -2.02
N THR A 295 -6.23 25.39 -0.72
CA THR A 295 -5.10 25.46 0.21
C THR A 295 -4.33 24.14 0.31
N PHE A 296 -5.05 23.00 0.37
CA PHE A 296 -4.38 21.72 0.39
C PHE A 296 -3.53 21.60 -0.84
N GLU A 297 -4.05 22.07 -1.98
CA GLU A 297 -3.35 21.89 -3.24
C GLU A 297 -2.10 22.79 -3.38
N GLU A 298 -2.17 24.04 -2.92
CA GLU A 298 -0.99 24.91 -2.97
C GLU A 298 0.06 24.42 -1.99
N THR A 299 -0.39 23.97 -0.82
CA THR A 299 0.50 23.59 0.25
C THR A 299 1.25 22.34 -0.15
N PHE A 300 0.52 21.35 -0.65
CA PHE A 300 1.11 20.13 -1.14
C PHE A 300 2.09 20.42 -2.26
N SER A 301 1.70 21.29 -3.19
CA SER A 301 2.55 21.68 -4.35
C SER A 301 3.81 22.41 -3.96
N GLU A 302 3.70 23.32 -2.98
CA GLU A 302 4.85 24.08 -2.49
C GLU A 302 5.89 23.13 -1.82
N ALA A 303 5.37 22.16 -1.06
CA ALA A 303 6.19 21.17 -0.35
C ALA A 303 6.90 20.26 -1.36
N TRP A 304 6.16 19.82 -2.37
CA TRP A 304 6.68 19.07 -3.52
C TRP A 304 7.83 19.79 -4.27
N GLN A 305 7.65 21.07 -4.60
CA GLN A 305 8.69 21.82 -5.29
C GLN A 305 9.95 21.89 -4.43
N LYS A 306 9.76 22.42 -3.21
CA LYS A 306 10.88 22.74 -2.33
C LYS A 306 11.54 21.51 -1.71
N ASP A 307 10.78 20.45 -1.45
CA ASP A 307 11.28 19.36 -0.61
C ASP A 307 11.19 17.91 -1.13
N SER A 308 10.92 17.70 -2.41
CA SER A 308 10.80 16.32 -2.93
C SER A 308 12.18 15.71 -3.06
N LEU A 309 12.29 14.40 -2.83
CA LEU A 309 13.60 13.73 -2.95
C LEU A 309 13.79 12.97 -4.26
N ASP A 310 12.70 12.66 -4.97
CA ASP A 310 12.79 11.85 -6.21
C ASP A 310 13.13 12.68 -7.42
N VAL A 311 13.94 12.07 -8.27
CA VAL A 311 14.34 12.60 -9.55
C VAL A 311 13.18 12.95 -10.48
N TYR A 312 12.05 12.27 -10.33
CA TYR A 312 10.83 12.46 -11.17
C TYR A 312 9.97 13.68 -10.81
N ALA A 313 10.25 14.34 -9.69
CA ALA A 313 9.34 15.35 -9.13
C ALA A 313 9.08 16.54 -10.04
N ASN A 314 10.10 16.95 -10.77
CA ASN A 314 10.02 18.16 -11.54
C ASN A 314 9.71 17.91 -13.02
N ILE A 315 9.28 16.70 -13.36
CA ILE A 315 8.89 16.45 -14.75
C ILE A 315 7.47 17.02 -14.90
N ASP A 316 7.29 17.97 -15.82
CA ASP A 316 6.02 18.65 -16.05
C ASP A 316 4.89 17.65 -16.28
N GLY A 317 3.85 17.70 -15.44
CA GLY A 317 2.68 16.82 -15.55
C GLY A 317 2.63 15.75 -14.46
N TYR A 318 3.75 15.47 -13.82
CA TYR A 318 3.77 14.48 -12.75
C TYR A 318 3.08 14.95 -11.43
N LEU A 319 3.42 16.13 -10.94
CA LEU A 319 2.67 16.68 -9.79
C LEU A 319 1.17 16.79 -10.13
N THR A 320 0.86 17.28 -11.33
CA THR A 320 -0.53 17.42 -11.81
C THR A 320 -1.30 16.11 -11.80
N ASP A 321 -0.71 15.05 -12.32
CA ASP A 321 -1.41 13.76 -12.32
C ASP A 321 -1.53 13.20 -10.91
N THR A 322 -0.52 13.44 -10.07
CA THR A 322 -0.58 13.08 -8.65
C THR A 322 -1.75 13.77 -7.95
N LEU A 323 -1.88 15.08 -8.14
CA LEU A 323 -2.99 15.83 -7.54
C LEU A 323 -4.35 15.35 -8.03
N SER A 324 -4.43 14.95 -9.29
CA SER A 324 -5.67 14.43 -9.87
C SER A 324 -6.10 13.14 -9.22
N HIS A 325 -5.15 12.24 -8.99
CA HIS A 325 -5.42 11.00 -8.24
C HIS A 325 -5.85 11.22 -6.79
N ILE A 326 -5.16 12.12 -6.07
CA ILE A 326 -5.54 12.48 -4.71
C ILE A 326 -6.97 13.05 -4.70
N PHE A 327 -7.27 13.93 -5.66
CA PHE A 327 -8.58 14.57 -5.76
C PHE A 327 -9.71 13.54 -5.93
N GLU A 328 -9.52 12.61 -6.86
CA GLU A 328 -10.45 11.55 -7.16
C GLU A 328 -10.71 10.65 -5.96
N GLU A 329 -9.63 10.15 -5.34
CA GLU A 329 -9.77 9.39 -4.10
C GLU A 329 -10.45 10.17 -2.98
N ALA A 330 -10.04 11.41 -2.77
CA ALA A 330 -10.66 12.29 -1.76
C ALA A 330 -12.17 12.44 -1.91
N ILE A 331 -12.66 12.64 -3.15
CA ILE A 331 -14.10 12.74 -3.40
C ILE A 331 -14.82 11.40 -3.11
N GLY A 332 -14.25 10.28 -3.54
CA GLY A 332 -14.78 8.95 -3.24
C GLY A 332 -14.85 8.71 -1.74
N PHE A 333 -13.78 9.04 -1.03
CA PHE A 333 -13.75 8.87 0.43
C PHE A 333 -14.80 9.78 1.11
N ALA A 334 -14.92 11.00 0.60
CA ALA A 334 -16.00 11.92 1.02
C ALA A 334 -17.39 11.30 0.91
N GLY A 335 -17.67 10.64 -0.21
CA GLY A 335 -18.96 10.00 -0.43
C GLY A 335 -19.23 8.91 0.58
N CYS A 336 -18.22 8.11 0.87
CA CYS A 336 -18.26 7.11 1.94
C CYS A 336 -18.61 7.71 3.30
N GLU A 337 -17.88 8.76 3.68
CA GLU A 337 -18.14 9.47 4.93
C GLU A 337 -19.55 10.04 5.04
N LEU A 338 -20.05 10.63 3.94
CA LEU A 338 -21.40 11.19 3.89
C LEU A 338 -22.45 10.12 4.20
N ILE A 339 -22.38 8.99 3.50
CA ILE A 339 -23.27 7.83 3.66
C ILE A 339 -23.16 7.18 5.05
N ARG A 340 -21.94 6.92 5.50
CA ARG A 340 -21.72 6.15 6.74
C ARG A 340 -22.15 6.90 8.01
N ARG A 341 -21.95 8.22 7.99
CA ARG A 341 -22.37 9.11 9.09
C ARG A 341 -23.90 9.27 9.16
N THR A 342 -24.61 8.85 8.12
CA THR A 342 -26.06 9.00 8.03
C THR A 342 -26.77 7.74 8.50
N ILE A 343 -26.23 6.58 8.13
CA ILE A 343 -26.91 5.31 8.41
C ILE A 343 -26.11 4.27 9.19
N GLY A 344 -24.85 4.57 9.47
CA GLY A 344 -23.98 3.64 10.16
C GLY A 344 -24.06 3.79 11.67
N LEU A 345 -23.18 3.09 12.37
CA LEU A 345 -23.14 3.11 13.84
C LEU A 345 -22.90 4.51 14.42
N ALA A 346 -21.90 5.21 13.87
CA ALA A 346 -21.46 6.51 14.40
C ALA A 346 -22.01 7.66 13.54
N HIS A 347 -22.98 8.39 14.08
CA HIS A 347 -23.64 9.48 13.43
C HIS A 347 -22.93 10.79 13.71
N VAL A 348 -23.42 11.87 13.09
CA VAL A 348 -22.95 13.22 13.39
C VAL A 348 -24.14 14.06 13.92
N ALA A 349 -23.87 14.95 14.88
CA ALA A 349 -24.90 15.85 15.47
C ALA A 349 -25.53 16.80 14.48
N ASP A 350 -24.80 17.15 13.43
CA ASP A 350 -25.28 18.03 12.37
C ASP A 350 -26.59 17.52 11.81
N LEU A 351 -26.65 16.23 11.49
CA LEU A 351 -27.86 15.59 10.94
C LEU A 351 -28.85 15.13 12.01
N ASP A 352 -28.35 14.50 13.08
CA ASP A 352 -29.25 13.98 14.13
C ASP A 352 -30.06 15.02 14.92
N THR A 353 -29.62 16.29 14.90
CA THR A 353 -30.29 17.37 15.65
C THR A 353 -31.19 18.25 14.78
N ILE A 354 -31.17 18.03 13.45
CA ILE A 354 -32.10 18.70 12.53
C ILE A 354 -33.54 18.54 13.01
N VAL A 355 -34.26 19.66 13.01
CA VAL A 355 -35.68 19.68 13.34
C VAL A 355 -36.46 20.40 12.23
N PRO A 356 -37.72 20.00 11.97
CA PRO A 356 -38.47 18.86 12.55
C PRO A 356 -38.04 17.49 11.99
N PHE A 357 -38.63 16.42 12.53
CA PHE A 357 -38.28 15.05 12.17
C PHE A 357 -38.29 14.76 10.65
N ASP A 358 -39.34 15.19 9.96
CA ASP A 358 -39.49 15.01 8.52
C ASP A 358 -38.41 15.70 7.68
N LYS A 359 -38.01 16.90 8.12
CA LYS A 359 -36.91 17.64 7.51
C LYS A 359 -35.58 16.87 7.70
N ARG A 360 -35.36 16.40 8.91
CA ARG A 360 -34.22 15.52 9.25
C ARG A 360 -34.11 14.30 8.34
N ILE A 361 -35.22 13.58 8.13
CA ILE A 361 -35.27 12.47 7.18
C ILE A 361 -34.87 12.90 5.75
N GLY A 362 -35.42 14.04 5.30
CA GLY A 362 -35.17 14.56 3.95
C GLY A 362 -33.71 14.92 3.73
N ARG A 363 -33.10 15.52 4.75
CA ARG A 363 -31.68 15.90 4.66
C ARG A 363 -30.79 14.67 4.80
N LYS A 364 -31.28 13.64 5.48
CA LYS A 364 -30.53 12.40 5.60
C LYS A 364 -30.54 11.64 4.27
N ARG A 365 -31.72 11.61 3.64
CA ARG A 365 -31.88 11.12 2.26
C ARG A 365 -30.87 11.78 1.27
N LEU A 366 -30.72 13.10 1.35
CA LEU A 366 -29.80 13.86 0.50
C LEU A 366 -28.32 13.58 0.78
N ALA A 367 -27.98 13.25 2.03
CA ALA A 367 -26.62 12.84 2.39
C ALA A 367 -26.25 11.53 1.69
N LEU A 368 -27.18 10.57 1.77
CA LEU A 368 -27.09 9.28 1.04
C LEU A 368 -26.93 9.46 -0.47
N GLU A 369 -27.71 10.37 -1.04
CA GLU A 369 -27.73 10.60 -2.47
C GLU A 369 -26.50 11.35 -2.99
N THR A 370 -26.08 12.40 -2.31
CA THR A 370 -24.83 13.09 -2.64
C THR A 370 -23.58 12.22 -2.37
N GLY A 371 -23.61 11.39 -1.32
CA GLY A 371 -22.55 10.40 -1.08
C GLY A 371 -22.41 9.40 -2.22
N THR A 372 -23.53 8.83 -2.66
CA THR A 372 -23.60 7.88 -3.76
C THR A 372 -23.01 8.47 -5.03
N ALA A 373 -23.40 9.71 -5.37
CA ALA A 373 -22.93 10.42 -6.55
C ALA A 373 -21.44 10.77 -6.46
N PHE A 374 -21.00 11.18 -5.28
CA PHE A 374 -19.55 11.42 -5.02
C PHE A 374 -18.71 10.19 -5.34
N ILE A 375 -19.13 9.04 -4.81
CA ILE A 375 -18.47 7.75 -5.04
C ILE A 375 -18.46 7.43 -6.56
N GLU A 376 -19.63 7.40 -7.16
CA GLU A 376 -19.81 7.08 -8.59
C GLU A 376 -19.06 7.95 -9.59
N LYS A 377 -19.09 9.26 -9.32
CA LYS A 377 -18.62 10.31 -10.22
C LYS A 377 -17.23 10.84 -9.90
N ARG A 378 -16.57 10.28 -8.88
CA ARG A 378 -15.30 10.84 -8.36
C ARG A 378 -14.27 11.23 -9.42
N SER A 379 -14.17 10.43 -10.47
CA SER A 379 -13.16 10.57 -11.53
C SER A 379 -13.61 11.42 -12.71
N GLU A 380 -14.81 11.99 -12.63
CA GLU A 380 -15.38 12.83 -13.69
C GLU A 380 -15.25 14.30 -13.34
N PHE A 381 -15.16 14.60 -12.05
CA PHE A 381 -14.94 15.97 -11.61
C PHE A 381 -13.55 16.41 -12.02
N LYS A 382 -13.43 17.66 -12.45
CA LYS A 382 -12.12 18.18 -12.82
C LYS A 382 -11.62 19.14 -11.74
N THR A 383 -12.55 19.84 -11.08
CA THR A 383 -12.20 20.83 -10.05
C THR A 383 -13.09 20.68 -8.82
N ILE A 384 -12.68 21.28 -7.69
CA ILE A 384 -13.48 21.27 -6.46
C ILE A 384 -14.82 21.98 -6.65
N THR A 385 -14.82 23.05 -7.45
CA THR A 385 -16.04 23.78 -7.77
C THR A 385 -17.09 22.91 -8.53
N ASP A 386 -16.62 21.93 -9.33
CA ASP A 386 -17.51 20.90 -9.88
C ASP A 386 -18.21 20.12 -8.79
N VAL A 387 -17.46 19.78 -7.74
CA VAL A 387 -18.04 19.01 -6.62
C VAL A 387 -19.11 19.83 -5.88
N ILE A 388 -18.79 21.09 -5.58
CA ILE A 388 -19.70 22.00 -4.91
C ILE A 388 -20.97 22.24 -5.75
N GLU A 389 -20.80 22.54 -7.03
CA GLU A 389 -21.94 22.77 -7.93
C GLU A 389 -22.86 21.53 -8.13
N LEU A 390 -22.29 20.33 -8.24
CA LEU A 390 -23.11 19.12 -8.23
C LEU A 390 -23.91 18.99 -6.91
N PHE A 391 -23.22 19.15 -5.79
CA PHE A 391 -23.83 19.13 -4.46
C PHE A 391 -25.01 20.08 -4.36
N LYS A 392 -24.79 21.38 -4.62
CA LYS A 392 -25.85 22.39 -4.56
C LYS A 392 -27.09 21.98 -5.38
N LEU A 393 -26.88 21.51 -6.62
CA LEU A 393 -28.00 21.07 -7.44
C LEU A 393 -28.76 19.89 -6.83
N LEU A 394 -28.03 18.89 -6.32
CA LEU A 394 -28.66 17.73 -5.70
C LEU A 394 -29.41 18.06 -4.41
N VAL A 395 -29.01 19.11 -3.73
CA VAL A 395 -29.65 19.50 -2.47
C VAL A 395 -30.64 20.67 -2.64
N LYS A 396 -30.88 21.12 -3.87
CA LYS A 396 -31.95 22.08 -4.07
C LYS A 396 -33.24 21.44 -3.61
N PRO B 7 28.73 -13.12 19.02
CA PRO B 7 27.87 -13.27 17.84
C PRO B 7 27.95 -14.68 17.21
N LEU B 8 26.79 -15.26 16.90
CA LEU B 8 26.67 -16.66 16.51
C LEU B 8 27.19 -16.92 15.09
N TYR B 9 26.80 -16.05 14.17
CA TYR B 9 27.12 -16.22 12.75
C TYR B 9 28.55 -16.68 12.51
N GLU B 10 28.69 -17.75 11.73
CA GLU B 10 29.98 -18.16 11.23
C GLU B 10 29.85 -18.65 9.79
N THR B 11 30.77 -18.20 8.95
CA THR B 11 30.78 -18.57 7.54
C THR B 11 31.06 -20.08 7.39
N LEU B 12 30.15 -20.77 6.71
CA LEU B 12 30.29 -22.22 6.49
C LEU B 12 31.30 -22.58 5.40
N ASN B 13 31.90 -23.76 5.57
CA ASN B 13 32.65 -24.40 4.51
C ASN B 13 32.04 -25.79 4.29
N GLU B 14 32.63 -26.58 3.38
CA GLU B 14 32.13 -27.92 3.06
C GLU B 14 31.99 -28.87 4.25
N SER B 15 32.94 -28.86 5.19
CA SER B 15 32.87 -29.75 6.36
C SER B 15 31.92 -29.17 7.40
N SER B 16 31.99 -27.85 7.56
CA SER B 16 31.10 -27.08 8.41
C SER B 16 29.61 -27.31 8.04
N ALA B 17 29.32 -27.37 6.73
CA ALA B 17 27.98 -27.63 6.22
C ALA B 17 27.49 -29.05 6.52
N VAL B 18 28.37 -30.03 6.36
CA VAL B 18 28.05 -31.43 6.68
C VAL B 18 27.85 -31.56 8.20
N ALA B 19 28.68 -30.89 8.99
CA ALA B 19 28.48 -30.85 10.44
C ALA B 19 27.09 -30.29 10.80
N LEU B 20 26.65 -29.24 10.08
CA LEU B 20 25.31 -28.67 10.29
C LEU B 20 24.20 -29.67 9.95
N ALA B 21 24.29 -30.30 8.79
CA ALA B 21 23.29 -31.27 8.33
C ALA B 21 23.09 -32.42 9.32
N VAL B 22 24.19 -32.92 9.86
CA VAL B 22 24.17 -34.02 10.82
C VAL B 22 23.66 -33.59 12.21
N LYS B 23 24.00 -32.36 12.60
CA LYS B 23 23.46 -31.79 13.85
C LYS B 23 21.91 -31.62 13.75
N LEU B 24 21.37 -31.47 12.55
CA LEU B 24 19.89 -31.43 12.38
C LEU B 24 19.21 -32.79 12.20
N GLY B 25 19.98 -33.87 12.27
CA GLY B 25 19.51 -35.23 12.05
C GLY B 25 18.96 -35.51 10.67
N LEU B 26 19.29 -34.67 9.68
CA LEU B 26 18.75 -34.81 8.31
C LEU B 26 19.48 -35.89 7.51
N PHE B 27 20.71 -36.18 7.91
CA PHE B 27 21.36 -37.49 7.78
C PHE B 27 21.82 -37.65 9.23
N PRO B 28 21.61 -38.76 9.94
CA PRO B 28 21.78 -40.16 9.57
C PRO B 28 23.22 -40.39 10.10
N SER B 29 24.24 -40.33 9.24
CA SER B 29 25.65 -40.38 9.63
C SER B 29 26.49 -39.46 8.73
N THR B 32 27.68 -42.22 4.98
CA THR B 32 28.76 -41.27 4.72
C THR B 32 28.43 -40.43 3.49
N LEU B 33 28.70 -39.13 3.62
CA LEU B 33 28.25 -38.07 2.73
C LEU B 33 29.40 -37.36 2.00
N THR B 34 29.04 -36.66 0.93
CA THR B 34 29.98 -35.78 0.20
C THR B 34 29.35 -34.38 0.05
N CYS B 35 30.19 -33.36 -0.06
CA CYS B 35 29.71 -31.97 -0.13
C CYS B 35 30.55 -31.12 -1.09
N GLN B 36 29.87 -30.40 -1.99
CA GLN B 36 30.51 -29.41 -2.86
C GLN B 36 29.75 -28.07 -2.86
N GLU B 37 30.49 -26.98 -2.74
CA GLU B 37 29.97 -25.63 -2.94
C GLU B 37 29.67 -25.40 -4.44
N ILE B 38 28.42 -25.05 -4.76
CA ILE B 38 27.99 -24.96 -6.15
C ILE B 38 27.31 -23.62 -6.51
N GLY B 39 27.49 -22.60 -5.67
CA GLY B 39 26.80 -21.30 -5.83
C GLY B 39 27.21 -20.54 -7.09
N ASP B 40 26.23 -19.87 -7.70
CA ASP B 40 26.46 -19.10 -8.92
C ASP B 40 27.10 -17.73 -8.64
N GLY B 41 26.49 -16.95 -7.75
CA GLY B 41 27.01 -15.61 -7.42
C GLY B 41 28.07 -15.60 -6.32
N ASN B 42 28.34 -14.42 -5.78
CA ASN B 42 29.32 -14.30 -4.71
C ASN B 42 28.75 -13.74 -3.41
N LEU B 43 27.42 -13.60 -3.37
CA LEU B 43 26.70 -13.12 -2.19
C LEU B 43 26.09 -14.25 -1.34
N ASN B 44 26.12 -15.47 -1.85
CA ASN B 44 25.63 -16.63 -1.09
C ASN B 44 26.50 -17.86 -1.34
N TYR B 45 26.67 -18.69 -0.31
CA TYR B 45 27.20 -20.04 -0.50
C TYR B 45 26.03 -20.99 -0.70
N VAL B 46 26.21 -22.00 -1.54
CA VAL B 46 25.22 -23.03 -1.75
C VAL B 46 25.99 -24.35 -1.67
N PHE B 47 25.68 -25.14 -0.65
CA PHE B 47 26.34 -26.41 -0.45
C PHE B 47 25.42 -27.56 -0.82
N HIS B 48 25.87 -28.36 -1.79
CA HIS B 48 25.17 -29.59 -2.15
C HIS B 48 25.74 -30.74 -1.34
N ILE B 49 24.87 -31.44 -0.61
CA ILE B 49 25.28 -32.56 0.22
C ILE B 49 24.59 -33.84 -0.24
N TYR B 50 25.35 -34.89 -0.56
CA TYR B 50 24.78 -36.16 -1.03
C TYR B 50 25.17 -37.39 -0.20
N ASP B 51 24.24 -38.35 -0.11
CA ASP B 51 24.37 -39.58 0.69
C ASP B 51 24.21 -40.84 -0.19
N GLN B 52 25.24 -41.69 -0.24
CA GLN B 52 25.13 -43.00 -0.92
C GLN B 52 24.50 -44.02 0.03
N GLU B 53 23.50 -44.75 -0.47
CA GLU B 53 22.42 -45.31 0.37
C GLU B 53 21.66 -44.13 1.04
N ARG B 56 19.56 -39.94 -1.36
CA ARG B 56 19.23 -38.78 -0.51
C ARG B 56 20.27 -37.64 -0.61
N ALA B 57 19.77 -36.41 -0.79
CA ALA B 57 20.59 -35.20 -0.94
C ALA B 57 19.94 -33.95 -0.32
N LEU B 58 20.72 -32.88 -0.24
CA LEU B 58 20.32 -31.68 0.50
C LEU B 58 21.04 -30.45 -0.03
N ILE B 59 20.38 -29.29 0.08
CA ILE B 59 21.01 -28.00 -0.19
C ILE B 59 21.06 -27.16 1.08
N ILE B 60 22.22 -26.58 1.36
CA ILE B 60 22.34 -25.58 2.42
C ILE B 60 22.84 -24.27 1.80
N LYS B 61 21.97 -23.28 1.79
CA LYS B 61 22.27 -21.95 1.28
C LYS B 61 22.57 -21.06 2.47
N GLN B 62 23.67 -20.31 2.38
CA GLN B 62 24.05 -19.35 3.43
C GLN B 62 24.47 -18.01 2.83
N ALA B 63 23.92 -16.92 3.35
CA ALA B 63 24.30 -15.59 2.90
C ALA B 63 25.68 -15.19 3.43
N VAL B 64 26.49 -14.56 2.57
CA VAL B 64 27.78 -14.02 3.01
C VAL B 64 27.70 -12.49 3.20
N PRO B 65 28.17 -11.99 4.34
CA PRO B 65 28.19 -10.53 4.52
C PRO B 65 29.25 -9.81 3.66
N TRP B 74 27.81 -4.36 -4.15
CA TRP B 74 26.51 -3.84 -3.62
C TRP B 74 26.29 -4.35 -2.20
N PRO B 75 26.51 -3.50 -1.18
CA PRO B 75 26.52 -4.01 0.22
C PRO B 75 25.13 -4.26 0.83
N LEU B 76 25.00 -5.45 1.43
CA LEU B 76 23.72 -6.00 1.89
C LEU B 76 23.85 -6.80 3.19
N THR B 77 22.96 -6.55 4.15
CA THR B 77 22.92 -7.35 5.38
C THR B 77 22.51 -8.78 5.06
N ILE B 78 22.68 -9.66 6.03
CA ILE B 78 22.33 -11.07 5.90
C ILE B 78 20.85 -11.34 6.25
N ASP B 79 20.10 -10.29 6.56
CA ASP B 79 18.66 -10.44 6.87
C ASP B 79 17.83 -10.97 5.69
N ARG B 80 18.29 -10.68 4.47
CA ARG B 80 17.69 -11.24 3.26
C ARG B 80 17.43 -12.75 3.35
N ALA B 81 18.25 -13.45 4.14
CA ALA B 81 18.12 -14.89 4.34
C ALA B 81 16.86 -15.24 5.13
N ARG B 82 16.51 -14.41 6.11
CA ARG B 82 15.26 -14.59 6.86
C ARG B 82 14.03 -14.35 5.96
N ILE B 83 14.08 -13.34 5.10
CA ILE B 83 13.02 -13.12 4.11
C ILE B 83 12.89 -14.30 3.16
N GLU B 84 14.01 -14.79 2.62
CA GLU B 84 14.02 -15.95 1.70
C GLU B 84 13.40 -17.23 2.29
N SER B 85 13.87 -17.62 3.48
CA SER B 85 13.33 -18.77 4.20
C SER B 85 11.85 -18.64 4.41
N SER B 86 11.44 -17.52 5.01
CA SER B 86 10.06 -17.30 5.38
C SER B 86 9.18 -17.24 4.15
N ALA B 87 9.65 -16.55 3.12
CA ALA B 87 8.92 -16.44 1.87
C ALA B 87 8.75 -17.81 1.19
N LEU B 88 9.80 -18.61 1.18
CA LEU B 88 9.77 -19.98 0.63
C LEU B 88 8.80 -20.91 1.36
N ILE B 89 8.73 -20.75 2.67
CA ILE B 89 7.85 -21.55 3.52
C ILE B 89 6.38 -21.17 3.28
N ARG B 90 6.09 -19.86 3.23
CA ARG B 90 4.75 -19.37 2.94
C ARG B 90 4.24 -19.86 1.59
N GLN B 91 5.11 -19.77 0.57
CA GLN B 91 4.81 -20.23 -0.78
C GLN B 91 4.46 -21.72 -0.81
N GLY B 92 5.22 -22.53 -0.08
CA GLY B 92 4.96 -23.96 0.02
C GLY B 92 3.69 -24.38 0.73
N GLU B 93 3.00 -23.44 1.38
CA GLU B 93 1.72 -23.71 2.03
C GLU B 93 0.60 -23.77 1.00
N HIS B 94 0.84 -23.19 -0.18
CA HIS B 94 -0.16 -23.13 -1.24
C HIS B 94 0.24 -23.88 -2.50
N VAL B 95 1.53 -23.77 -2.87
CA VAL B 95 2.07 -24.42 -4.06
C VAL B 95 3.31 -25.26 -3.70
N PRO B 96 3.15 -26.30 -2.87
CA PRO B 96 4.32 -27.04 -2.38
C PRO B 96 5.04 -27.75 -3.51
N HIS B 97 4.33 -27.98 -4.61
CA HIS B 97 4.87 -28.66 -5.77
C HIS B 97 5.66 -27.73 -6.69
N LEU B 98 5.62 -26.43 -6.40
CA LEU B 98 6.24 -25.41 -7.26
C LEU B 98 7.39 -24.62 -6.62
N VAL B 99 7.79 -25.02 -5.42
CA VAL B 99 8.91 -24.44 -4.70
C VAL B 99 9.67 -25.59 -4.04
N PRO B 100 10.99 -25.39 -3.78
CA PRO B 100 11.76 -26.35 -2.96
C PRO B 100 11.22 -26.44 -1.54
N ARG B 101 11.17 -27.65 -0.99
CA ARG B 101 10.88 -27.82 0.41
C ARG B 101 12.03 -27.32 1.28
N VAL B 102 11.67 -26.70 2.41
CA VAL B 102 12.60 -26.13 3.40
C VAL B 102 12.57 -27.03 4.63
N PHE B 103 13.74 -27.49 5.06
CA PHE B 103 13.82 -28.43 6.20
C PHE B 103 14.22 -27.74 7.49
N TYR B 104 14.91 -26.60 7.36
CA TYR B 104 15.43 -25.84 8.49
C TYR B 104 15.85 -24.47 8.00
N SER B 105 15.68 -23.49 8.88
CA SER B 105 16.17 -22.15 8.62
C SER B 105 16.60 -21.53 9.92
N ASP B 106 17.52 -20.58 9.82
CA ASP B 106 18.07 -19.87 10.96
C ASP B 106 18.54 -18.48 10.54
N THR B 107 18.05 -17.46 11.25
CA THR B 107 18.30 -16.06 10.92
C THR B 107 19.73 -15.66 11.24
N GLU B 108 20.21 -16.02 12.43
CA GLU B 108 21.52 -15.60 12.90
C GLU B 108 22.62 -16.16 12.02
N MET B 109 22.51 -17.45 11.67
CA MET B 109 23.46 -18.08 10.76
C MET B 109 23.19 -17.70 9.29
N ALA B 110 22.01 -17.13 9.02
CA ALA B 110 21.56 -16.75 7.66
C ALA B 110 21.51 -17.96 6.70
N VAL B 111 20.91 -19.05 7.19
CA VAL B 111 20.95 -20.35 6.54
C VAL B 111 19.54 -20.86 6.21
N THR B 112 19.37 -21.32 4.97
CA THR B 112 18.18 -22.06 4.56
C THR B 112 18.59 -23.45 4.08
N VAL B 113 18.05 -24.47 4.73
CA VAL B 113 18.29 -25.86 4.35
C VAL B 113 17.08 -26.32 3.56
N MET B 114 17.32 -26.77 2.33
CA MET B 114 16.22 -27.04 1.44
C MET B 114 16.41 -28.27 0.55
N GLU B 115 15.34 -28.62 -0.15
CA GLU B 115 15.32 -29.65 -1.16
C GLU B 115 16.37 -29.44 -2.25
N ASP B 116 17.05 -30.53 -2.61
CA ASP B 116 17.99 -30.54 -3.71
C ASP B 116 17.25 -30.61 -5.05
N LEU B 117 17.55 -29.65 -5.92
CA LEU B 117 16.93 -29.61 -7.25
C LEU B 117 17.95 -29.66 -8.41
N SER B 118 19.07 -30.36 -8.18
CA SER B 118 20.16 -30.49 -9.15
C SER B 118 19.85 -31.27 -10.42
N HIS B 119 18.75 -32.03 -10.41
CA HIS B 119 18.30 -32.76 -11.60
C HIS B 119 17.61 -31.83 -12.60
N LEU B 120 17.31 -30.62 -12.15
CA LEU B 120 16.62 -29.61 -12.94
C LEU B 120 17.62 -28.59 -13.48
N LYS B 121 17.18 -27.76 -14.43
CA LYS B 121 18.03 -26.77 -15.04
C LYS B 121 17.39 -25.39 -14.84
N ILE B 122 18.22 -24.36 -14.64
CA ILE B 122 17.74 -22.97 -14.60
C ILE B 122 17.05 -22.62 -15.91
N ALA B 123 15.81 -22.11 -15.81
CA ALA B 123 14.94 -21.85 -16.97
C ALA B 123 15.61 -21.03 -18.07
N ARG B 124 16.28 -19.95 -17.68
CA ARG B 124 16.91 -19.05 -18.64
C ARG B 124 17.95 -19.76 -19.48
N LYS B 125 18.78 -20.58 -18.83
CA LYS B 125 19.84 -21.31 -19.50
C LYS B 125 19.28 -22.35 -20.52
N GLY B 126 18.29 -23.15 -20.11
CA GLY B 126 17.59 -24.06 -21.00
C GLY B 126 16.97 -23.30 -22.15
N LEU B 127 16.34 -22.18 -21.86
CA LEU B 127 15.62 -21.41 -22.88
C LEU B 127 16.53 -20.84 -23.96
N ILE B 128 17.70 -20.35 -23.53
CA ILE B 128 18.78 -19.94 -24.42
C ILE B 128 19.36 -21.12 -25.23
N GLU B 129 19.50 -22.29 -24.61
CA GLU B 129 19.93 -23.49 -25.34
C GLU B 129 18.87 -23.99 -26.32
N GLY B 130 17.65 -23.47 -26.23
CA GLY B 130 16.58 -23.85 -27.15
C GLY B 130 15.57 -24.84 -26.60
N GLU B 131 15.60 -25.13 -25.29
CA GLU B 131 14.57 -25.90 -24.61
C GLU B 131 13.28 -25.10 -24.62
N ASN B 132 12.15 -25.76 -24.75
CA ASN B 132 10.88 -25.00 -24.80
C ASN B 132 9.96 -25.14 -23.58
N TYR B 133 10.27 -26.10 -22.71
CA TYR B 133 9.54 -26.35 -21.44
C TYR B 133 8.00 -26.19 -21.58
N PRO B 134 7.31 -27.20 -22.13
CA PRO B 134 5.91 -26.94 -22.51
C PRO B 134 4.98 -26.57 -21.35
N HIS B 135 5.34 -26.93 -20.12
CA HIS B 135 4.50 -26.67 -18.94
C HIS B 135 4.93 -25.46 -18.10
N LEU B 136 5.97 -24.78 -18.55
CA LEU B 136 6.54 -23.69 -17.77
C LEU B 136 5.49 -22.64 -17.41
N SER B 137 4.75 -22.15 -18.41
CA SER B 137 3.73 -21.12 -18.19
C SER B 137 2.50 -21.59 -17.42
N GLN B 138 2.06 -22.84 -17.64
CA GLN B 138 1.00 -23.43 -16.82
C GLN B 138 1.48 -23.42 -15.35
N HIS B 139 2.71 -23.87 -15.12
CA HIS B 139 3.22 -23.94 -13.75
C HIS B 139 3.43 -22.57 -13.10
N ILE B 140 4.10 -21.66 -13.79
CA ILE B 140 4.28 -20.30 -13.25
C ILE B 140 2.94 -19.58 -13.06
N GLY B 141 1.97 -19.85 -13.95
CA GLY B 141 0.66 -19.22 -13.87
C GLY B 141 -0.05 -19.58 -12.58
N GLU B 142 0.10 -20.85 -12.19
CA GLU B 142 -0.50 -21.36 -10.96
C GLU B 142 0.27 -20.81 -9.74
N PHE B 143 1.58 -20.91 -9.80
CA PHE B 143 2.42 -20.25 -8.81
C PHE B 143 1.91 -18.83 -8.58
N LEU B 144 1.80 -18.03 -9.66
CA LEU B 144 1.48 -16.61 -9.52
C LEU B 144 0.06 -16.38 -8.98
N GLY B 145 -0.92 -17.12 -9.50
CA GLY B 145 -2.30 -16.92 -9.08
C GLY B 145 -2.52 -17.24 -7.61
N LYS B 146 -1.92 -18.33 -7.15
CA LYS B 146 -2.11 -18.80 -5.78
C LYS B 146 -1.30 -17.99 -4.77
N THR B 147 -0.02 -17.80 -5.05
CA THR B 147 0.82 -17.06 -4.13
C THR B 147 0.30 -15.64 -4.00
N LEU B 148 -0.09 -15.03 -5.12
CA LEU B 148 -0.56 -13.64 -5.09
C LEU B 148 -1.96 -13.49 -4.47
N PHE B 149 -2.89 -14.41 -4.75
CA PHE B 149 -4.16 -14.38 -4.01
C PHE B 149 -4.03 -14.58 -2.49
N TYR B 150 -3.30 -15.62 -2.07
CA TYR B 150 -3.49 -16.18 -0.73
C TYR B 150 -2.78 -15.41 0.36
N SER B 151 -2.02 -14.38 -0.03
CA SER B 151 -1.38 -13.50 0.93
C SER B 151 -1.95 -12.08 0.90
N SER B 152 -3.05 -11.89 0.17
CA SER B 152 -3.72 -10.60 0.03
C SER B 152 -4.86 -10.41 1.05
N ASP B 153 -5.46 -9.22 1.02
CA ASP B 153 -6.61 -8.89 1.86
C ASP B 153 -7.83 -9.66 1.38
N TYR B 154 -7.81 -10.14 0.14
CA TYR B 154 -8.95 -10.87 -0.38
C TYR B 154 -9.08 -12.19 0.35
N ALA B 155 -7.95 -12.77 0.73
CA ALA B 155 -7.81 -14.10 1.32
C ALA B 155 -7.61 -14.11 2.84
N LEU B 156 -7.02 -13.04 3.36
CA LEU B 156 -6.61 -12.96 4.74
C LEU B 156 -7.41 -11.90 5.49
N GLU B 157 -7.70 -12.18 6.77
CA GLU B 157 -8.20 -11.16 7.70
C GLU B 157 -7.25 -9.97 7.66
N PRO B 158 -7.78 -8.74 7.62
CA PRO B 158 -6.88 -7.59 7.48
C PRO B 158 -5.85 -7.45 8.61
N LYS B 159 -6.24 -7.76 9.84
CA LYS B 159 -5.33 -7.69 10.98
C LYS B 159 -4.16 -8.68 10.82
N VAL B 160 -4.46 -9.88 10.32
CA VAL B 160 -3.43 -10.88 10.01
C VAL B 160 -2.45 -10.36 8.94
N LYS B 161 -3.02 -9.81 7.86
CA LYS B 161 -2.25 -9.29 6.75
C LYS B 161 -1.29 -8.14 7.16
N LYS B 162 -1.80 -7.22 7.99
CA LYS B 162 -1.01 -6.11 8.52
C LYS B 162 0.25 -6.56 9.30
N GLN B 163 0.14 -7.69 10.01
CA GLN B 163 1.29 -8.30 10.67
C GLN B 163 2.30 -8.89 9.68
N LEU B 164 1.79 -9.57 8.65
CA LEU B 164 2.65 -10.12 7.59
C LEU B 164 3.39 -9.01 6.83
N VAL B 165 2.74 -7.87 6.63
CA VAL B 165 3.41 -6.68 6.07
C VAL B 165 4.67 -6.30 6.88
N LYS B 166 4.57 -6.28 8.22
CA LYS B 166 5.72 -5.97 9.09
C LYS B 166 6.82 -7.02 8.92
N GLN B 167 6.41 -8.28 9.08
CA GLN B 167 7.28 -9.46 8.98
C GLN B 167 8.09 -9.52 7.68
N PHE B 168 7.46 -9.14 6.55
CA PHE B 168 8.18 -9.10 5.25
C PHE B 168 8.66 -7.74 4.74
N THR B 169 8.59 -6.71 5.58
CA THR B 169 9.25 -5.47 5.22
C THR B 169 10.71 -5.77 4.85
N ASN B 170 11.13 -5.32 3.67
CA ASN B 170 12.40 -5.69 3.05
C ASN B 170 13.08 -4.46 2.43
N PRO B 171 13.53 -3.51 3.26
CA PRO B 171 13.99 -2.19 2.82
C PRO B 171 15.19 -2.15 1.86
N GLU B 172 16.21 -2.98 2.13
CA GLU B 172 17.46 -2.99 1.36
C GLU B 172 17.28 -3.57 -0.02
N LEU B 173 16.50 -4.65 -0.12
CA LEU B 173 16.31 -5.31 -1.40
C LEU B 173 15.29 -4.56 -2.23
N CYS B 174 14.29 -3.98 -1.58
CA CYS B 174 13.34 -3.07 -2.24
C CYS B 174 14.08 -1.85 -2.78
N ASP B 175 15.09 -1.39 -2.05
CA ASP B 175 15.97 -0.29 -2.49
C ASP B 175 16.66 -0.61 -3.81
N ILE B 176 17.15 -1.83 -3.97
CA ILE B 176 17.77 -2.22 -5.22
C ILE B 176 16.75 -2.12 -6.35
N THR B 177 15.55 -2.71 -6.17
CA THR B 177 14.52 -2.65 -7.20
C THR B 177 14.06 -1.21 -7.50
N GLU B 178 13.78 -0.45 -6.47
CA GLU B 178 13.38 0.96 -6.61
C GLU B 178 14.35 1.74 -7.51
N ARG B 179 15.65 1.52 -7.31
CA ARG B 179 16.67 2.21 -8.10
C ARG B 179 16.83 1.62 -9.51
N LEU B 180 16.93 0.30 -9.57
CA LEU B 180 17.41 -0.35 -10.78
C LEU B 180 16.34 -0.61 -11.80
N VAL B 181 15.17 -1.10 -11.36
CA VAL B 181 14.07 -1.24 -12.30
C VAL B 181 13.25 0.03 -12.62
N PHE B 182 13.17 0.96 -11.67
CA PHE B 182 12.23 2.10 -11.73
C PHE B 182 12.84 3.50 -11.91
N THR B 183 14.15 3.63 -11.72
CA THR B 183 14.76 4.94 -11.68
C THR B 183 15.95 5.13 -12.63
N ASP B 184 17.02 4.35 -12.42
CA ASP B 184 18.34 4.67 -13.03
C ASP B 184 18.37 4.56 -14.56
N PRO B 185 17.71 3.53 -15.14
CA PRO B 185 17.68 3.43 -16.62
C PRO B 185 17.06 4.66 -17.32
N PHE B 186 16.23 5.39 -16.59
CA PHE B 186 15.49 6.55 -17.12
C PHE B 186 16.23 7.90 -17.05
N PHE B 187 17.44 7.90 -16.48
CA PHE B 187 18.26 9.11 -16.33
C PHE B 187 19.71 8.72 -16.65
N ASP B 188 20.59 9.69 -16.80
CA ASP B 188 22.00 9.42 -16.99
C ASP B 188 22.64 9.10 -15.63
N HIS B 189 22.35 7.91 -15.10
CA HIS B 189 22.79 7.50 -13.75
C HIS B 189 23.97 6.54 -13.82
N ASP B 190 24.76 6.55 -12.75
CA ASP B 190 26.06 5.89 -12.76
C ASP B 190 25.97 4.36 -12.84
N THR B 191 24.84 3.77 -12.43
CA THR B 191 24.70 2.31 -12.44
C THR B 191 24.38 1.74 -13.82
N ASN B 192 24.05 2.60 -14.79
CA ASN B 192 23.65 2.14 -16.11
C ASN B 192 24.84 1.54 -16.83
N ASP B 193 24.58 0.62 -17.76
CA ASP B 193 25.68 -0.02 -18.47
C ASP B 193 25.19 -0.50 -19.83
N PHE B 194 25.62 0.21 -20.88
CA PHE B 194 25.16 -0.10 -22.23
C PHE B 194 26.20 0.22 -23.28
N GLU B 195 26.10 -0.43 -24.44
CA GLU B 195 27.04 -0.15 -25.56
C GLU B 195 26.85 1.26 -26.07
N GLU B 196 27.95 1.93 -26.42
CA GLU B 196 27.87 3.26 -27.01
C GLU B 196 27.00 3.36 -28.28
N GLU B 197 26.95 2.29 -29.08
CA GLU B 197 26.10 2.24 -30.29
C GLU B 197 24.62 2.37 -29.97
N LEU B 198 24.27 2.02 -28.73
CA LEU B 198 22.89 2.08 -28.24
C LEU B 198 22.51 3.49 -27.72
N ARG B 199 23.50 4.37 -27.53
CA ARG B 199 23.25 5.70 -26.94
C ARG B 199 22.10 6.54 -27.54
N PRO B 200 22.04 6.69 -28.90
CA PRO B 200 20.95 7.51 -29.45
C PRO B 200 19.56 7.06 -29.02
N PHE B 201 19.35 5.76 -28.89
CA PHE B 201 18.05 5.21 -28.49
C PHE B 201 17.84 5.36 -26.99
N VAL B 202 18.93 5.21 -26.24
CA VAL B 202 18.94 5.43 -24.79
C VAL B 202 18.56 6.88 -24.47
N GLU B 203 19.13 7.83 -25.20
CA GLU B 203 18.82 9.25 -25.06
C GLU B 203 17.42 9.63 -25.55
N LYS B 204 16.86 8.87 -26.50
CA LYS B 204 15.45 9.04 -26.87
C LYS B 204 14.59 8.84 -25.64
N LEU B 205 14.95 7.84 -24.83
CA LEU B 205 14.21 7.49 -23.63
C LEU B 205 14.38 8.52 -22.52
N TRP B 206 15.61 8.98 -22.31
CA TRP B 206 15.88 9.97 -21.26
C TRP B 206 15.14 11.29 -21.53
N ASN B 207 14.96 11.64 -22.80
CA ASN B 207 14.28 12.87 -23.18
C ASN B 207 12.76 12.75 -23.34
N ASN B 208 12.23 11.57 -23.02
CA ASN B 208 10.83 11.27 -23.18
C ASN B 208 10.14 11.48 -21.83
N ASP B 209 9.45 12.60 -21.70
CA ASP B 209 8.84 13.01 -20.44
C ASP B 209 7.64 12.15 -20.07
N SER B 210 6.83 11.81 -21.08
CA SER B 210 5.54 11.18 -20.79
C SER B 210 5.70 9.72 -20.36
N VAL B 211 6.74 9.07 -20.87
CA VAL B 211 7.10 7.73 -20.47
C VAL B 211 7.66 7.79 -19.04
N LYS B 212 8.48 8.79 -18.77
CA LYS B 212 9.10 8.88 -17.44
C LYS B 212 8.08 9.19 -16.34
N ILE B 213 7.14 10.09 -16.62
CA ILE B 213 5.98 10.36 -15.76
C ILE B 213 5.25 9.07 -15.40
N GLU B 214 5.16 8.15 -16.36
CA GLU B 214 4.48 6.88 -16.21
C GLU B 214 5.33 5.87 -15.44
N ALA B 215 6.64 5.93 -15.65
CA ALA B 215 7.56 5.11 -14.88
C ALA B 215 7.53 5.54 -13.39
N ALA B 216 7.39 6.85 -13.17
CA ALA B 216 7.20 7.41 -11.85
C ALA B 216 5.95 6.82 -11.15
N LYS B 217 4.83 6.74 -11.87
CA LYS B 217 3.57 6.21 -11.33
C LYS B 217 3.70 4.75 -10.94
N LEU B 218 4.38 3.98 -11.79
CA LEU B 218 4.61 2.54 -11.57
C LEU B 218 5.50 2.30 -10.35
N LYS B 219 6.48 3.18 -10.17
CA LYS B 219 7.38 3.17 -9.03
C LYS B 219 6.64 3.56 -7.76
N LYS B 220 5.80 4.59 -7.85
CA LYS B 220 4.96 4.97 -6.72
C LYS B 220 4.09 3.78 -6.28
N SER B 221 3.56 3.01 -7.24
CA SER B 221 2.78 1.81 -6.92
C SER B 221 3.69 0.81 -6.20
N PHE B 222 4.89 0.57 -6.76
CA PHE B 222 5.87 -0.29 -6.10
C PHE B 222 6.19 0.13 -4.65
N LEU B 223 6.27 1.44 -4.44
CA LEU B 223 6.64 1.99 -3.15
C LEU B 223 5.51 1.95 -2.13
N THR B 224 4.26 1.97 -2.59
CA THR B 224 3.11 2.21 -1.69
C THR B 224 2.02 1.11 -1.68
N SER B 225 1.92 0.35 -2.76
CA SER B 225 0.81 -0.56 -2.93
C SER B 225 1.01 -1.90 -2.26
N ALA B 226 0.75 -1.96 -0.95
CA ALA B 226 1.00 -3.17 -0.16
C ALA B 226 -0.12 -4.21 -0.35
N GLU B 227 -0.23 -4.78 -1.55
CA GLU B 227 -1.36 -5.65 -1.96
C GLU B 227 -1.24 -7.12 -1.55
N THR B 228 -0.10 -7.74 -1.85
CA THR B 228 0.22 -9.11 -1.39
C THR B 228 1.68 -9.26 -1.14
N LEU B 229 2.05 -10.45 -0.66
CA LEU B 229 3.43 -10.88 -0.54
C LEU B 229 3.91 -11.33 -1.89
N ILE B 230 4.82 -10.56 -2.48
CA ILE B 230 5.32 -10.91 -3.78
C ILE B 230 6.65 -11.67 -3.65
N HIS B 231 7.11 -12.26 -4.75
CA HIS B 231 8.41 -12.90 -4.83
C HIS B 231 9.43 -11.79 -5.05
N GLY B 232 9.09 -10.81 -5.90
CA GLY B 232 9.90 -9.57 -6.09
C GLY B 232 11.11 -9.66 -7.01
N ASP B 233 11.40 -10.85 -7.53
CA ASP B 233 12.49 -10.99 -8.52
C ASP B 233 12.24 -12.18 -9.44
N LEU B 234 10.99 -12.37 -9.87
CA LEU B 234 10.62 -13.55 -10.63
C LEU B 234 11.08 -13.48 -12.10
N HIS B 235 12.36 -13.71 -12.33
CA HIS B 235 12.90 -13.84 -13.69
C HIS B 235 13.14 -15.32 -14.04
N THR B 236 13.55 -15.58 -15.29
CA THR B 236 13.76 -16.94 -15.76
C THR B 236 15.01 -17.58 -15.13
N GLY B 237 15.92 -16.77 -14.60
CA GLY B 237 17.04 -17.26 -13.82
C GLY B 237 16.74 -17.59 -12.35
N SER B 238 15.53 -17.27 -11.88
CA SER B 238 15.01 -17.66 -10.54
C SER B 238 14.11 -18.88 -10.57
N ILE B 239 14.24 -19.68 -11.61
CA ILE B 239 13.32 -20.81 -11.83
C ILE B 239 14.12 -22.03 -12.28
N PHE B 240 13.83 -23.18 -11.69
CA PHE B 240 14.39 -24.45 -12.15
C PHE B 240 13.35 -25.13 -13.04
N ALA B 241 13.80 -25.71 -14.16
CA ALA B 241 12.87 -26.39 -15.08
C ALA B 241 13.41 -27.67 -15.68
N SER B 242 12.47 -28.53 -16.06
CA SER B 242 12.67 -29.62 -16.99
C SER B 242 11.33 -29.78 -17.74
N GLU B 243 11.23 -30.78 -18.60
CA GLU B 243 10.04 -30.99 -19.41
C GLU B 243 8.76 -31.10 -18.55
N HIS B 244 8.89 -31.72 -17.37
CA HIS B 244 7.75 -32.02 -16.50
C HIS B 244 7.67 -31.26 -15.17
N GLU B 245 8.71 -30.50 -14.82
CA GLU B 245 8.82 -29.88 -13.50
C GLU B 245 9.20 -28.42 -13.57
N THR B 246 8.70 -27.65 -12.62
CA THR B 246 9.06 -26.24 -12.48
C THR B 246 9.19 -25.97 -10.98
N LYS B 247 10.21 -25.21 -10.60
CA LYS B 247 10.41 -24.81 -9.20
C LYS B 247 10.88 -23.37 -9.12
N VAL B 248 10.11 -22.54 -8.43
CA VAL B 248 10.49 -21.15 -8.28
C VAL B 248 11.40 -21.05 -7.06
N ILE B 249 12.57 -20.46 -7.28
CA ILE B 249 13.55 -20.35 -6.19
C ILE B 249 13.83 -18.90 -5.87
N ASP B 250 14.60 -18.69 -4.82
CA ASP B 250 15.19 -17.39 -4.43
C ASP B 250 14.24 -16.18 -4.22
N PRO B 251 13.23 -16.32 -3.32
CA PRO B 251 12.34 -15.16 -3.03
C PRO B 251 12.93 -14.15 -2.03
N GLU B 252 14.20 -13.81 -2.19
CA GLU B 252 14.85 -12.94 -1.23
C GLU B 252 14.36 -11.50 -1.30
N PHE B 253 13.78 -11.13 -2.45
CA PHE B 253 13.22 -9.79 -2.67
C PHE B 253 11.75 -9.67 -2.21
N ALA B 254 11.22 -10.72 -1.56
CA ALA B 254 9.81 -10.78 -1.13
C ALA B 254 9.45 -9.63 -0.19
N PHE B 255 8.29 -9.01 -0.44
CA PHE B 255 7.73 -7.98 0.42
C PHE B 255 6.28 -7.75 0.01
N TYR B 256 5.55 -6.93 0.75
CA TYR B 256 4.17 -6.60 0.35
C TYR B 256 4.14 -5.47 -0.64
N GLY B 257 3.80 -5.84 -1.88
CA GLY B 257 3.80 -4.93 -3.01
C GLY B 257 2.70 -5.25 -3.99
N PRO B 258 2.68 -4.60 -5.17
CA PRO B 258 1.56 -4.74 -6.11
C PRO B 258 1.49 -6.12 -6.75
N ILE B 259 0.29 -6.67 -6.86
CA ILE B 259 0.05 -8.02 -7.41
C ILE B 259 0.61 -8.22 -8.83
N GLY B 260 0.55 -7.17 -9.64
CA GLY B 260 1.00 -7.21 -11.03
C GLY B 260 2.51 -7.28 -11.24
N PHE B 261 3.30 -7.00 -10.20
CA PHE B 261 4.77 -6.94 -10.36
C PHE B 261 5.46 -8.25 -10.78
N ASP B 262 5.23 -9.35 -10.05
CA ASP B 262 5.86 -10.63 -10.39
C ASP B 262 5.39 -11.10 -11.73
N VAL B 263 4.20 -10.65 -12.13
CA VAL B 263 3.58 -11.08 -13.39
C VAL B 263 4.29 -10.38 -14.58
N GLY B 264 4.49 -9.08 -14.42
CA GLY B 264 5.22 -8.29 -15.41
C GLY B 264 6.63 -8.80 -15.61
N GLN B 265 7.38 -8.92 -14.52
CA GLN B 265 8.78 -9.38 -14.57
C GLN B 265 8.93 -10.72 -15.24
N PHE B 266 8.04 -11.67 -14.93
CA PHE B 266 8.10 -12.94 -15.64
C PHE B 266 7.79 -12.78 -17.16
N ILE B 267 6.70 -12.08 -17.48
CA ILE B 267 6.33 -11.92 -18.88
C ILE B 267 7.48 -11.20 -19.62
N ALA B 268 8.06 -10.17 -19.00
CA ALA B 268 9.14 -9.45 -19.66
C ALA B 268 10.31 -10.39 -19.97
N ASN B 269 10.56 -11.33 -19.07
CA ASN B 269 11.69 -12.24 -19.21
C ASN B 269 11.47 -13.31 -20.30
N LEU B 270 10.21 -13.66 -20.55
CA LEU B 270 9.83 -14.47 -21.73
C LEU B 270 10.04 -13.68 -23.04
N PHE B 271 9.65 -12.41 -23.01
CA PHE B 271 9.86 -11.53 -24.17
C PHE B 271 11.33 -11.32 -24.49
N LEU B 272 12.14 -11.17 -23.44
CA LEU B 272 13.61 -11.00 -23.59
C LEU B 272 14.23 -12.22 -24.29
N ASN B 273 13.78 -13.42 -23.92
CA ASN B 273 14.26 -14.62 -24.59
C ASN B 273 13.79 -14.68 -26.04
N ALA B 274 12.55 -14.23 -26.30
CA ALA B 274 12.03 -14.13 -27.67
C ALA B 274 12.93 -13.25 -28.54
N LEU B 275 13.39 -12.12 -27.99
CA LEU B 275 14.22 -11.18 -28.74
C LEU B 275 15.57 -11.79 -29.08
N SER B 276 16.03 -12.77 -28.30
CA SER B 276 17.28 -13.46 -28.56
C SER B 276 17.15 -14.63 -29.55
N ARG B 277 15.91 -14.96 -29.91
CA ARG B 277 15.63 -15.97 -30.92
C ARG B 277 15.16 -15.31 -32.20
N ASP B 278 15.07 -16.11 -33.24
CA ASP B 278 14.68 -15.62 -34.56
C ASP B 278 13.46 -16.34 -35.08
N GLY B 279 12.64 -15.61 -35.84
CA GLY B 279 11.59 -16.22 -36.65
C GLY B 279 10.65 -17.13 -35.88
N ALA B 280 10.39 -18.31 -36.44
CA ALA B 280 9.47 -19.28 -35.88
C ALA B 280 9.94 -19.87 -34.54
N ASP B 281 11.21 -19.66 -34.20
CA ASP B 281 11.76 -20.15 -32.95
C ASP B 281 11.21 -19.36 -31.76
N ARG B 282 10.69 -18.17 -32.03
CA ARG B 282 10.07 -17.30 -31.02
C ARG B 282 8.70 -17.74 -30.55
N GLU B 283 8.00 -18.53 -31.36
CA GLU B 283 6.62 -18.90 -31.07
C GLU B 283 6.33 -19.56 -29.71
N PRO B 284 7.19 -20.51 -29.27
CA PRO B 284 7.09 -21.07 -27.91
C PRO B 284 7.01 -20.04 -26.77
N LEU B 285 7.76 -18.96 -26.87
CA LEU B 285 7.78 -17.91 -25.85
C LEU B 285 6.52 -17.05 -25.86
N TYR B 286 5.99 -16.77 -27.05
CA TYR B 286 4.71 -16.13 -27.21
C TYR B 286 3.57 -16.98 -26.67
N GLU B 287 3.60 -18.29 -26.92
CA GLU B 287 2.62 -19.19 -26.30
C GLU B 287 2.74 -19.15 -24.77
N HIS B 288 3.98 -19.10 -24.27
CA HIS B 288 4.23 -18.98 -22.83
C HIS B 288 3.66 -17.69 -22.21
N VAL B 289 3.72 -16.59 -22.94
CA VAL B 289 3.23 -15.32 -22.44
C VAL B 289 1.71 -15.34 -22.31
N ASN B 290 1.05 -15.82 -23.36
CA ASN B 290 -0.39 -15.97 -23.42
C ASN B 290 -0.87 -16.91 -22.33
N GLN B 291 -0.20 -18.05 -22.19
CA GLN B 291 -0.56 -19.10 -21.24
C GLN B 291 -0.33 -18.65 -19.78
N VAL B 292 0.77 -17.95 -19.52
CA VAL B 292 1.00 -17.49 -18.15
C VAL B 292 -0.06 -16.49 -17.72
N TRP B 293 -0.51 -15.64 -18.62
CA TRP B 293 -1.62 -14.74 -18.26
C TRP B 293 -2.93 -15.51 -18.08
N GLU B 294 -3.24 -16.38 -19.04
CA GLU B 294 -4.47 -17.18 -18.96
C GLU B 294 -4.55 -17.92 -17.65
N THR B 295 -3.52 -18.72 -17.38
CA THR B 295 -3.44 -19.51 -16.13
C THR B 295 -3.41 -18.63 -14.89
N PHE B 296 -2.62 -17.55 -14.91
CA PHE B 296 -2.64 -16.64 -13.77
C PHE B 296 -4.05 -16.16 -13.53
N GLU B 297 -4.76 -15.83 -14.61
CA GLU B 297 -6.12 -15.30 -14.48
C GLU B 297 -7.13 -16.36 -14.05
N GLU B 298 -7.06 -17.58 -14.61
CA GLU B 298 -7.98 -18.65 -14.18
C GLU B 298 -7.73 -18.99 -12.72
N THR B 299 -6.48 -19.21 -12.35
CA THR B 299 -6.11 -19.58 -10.98
C THR B 299 -6.51 -18.52 -9.95
N PHE B 300 -6.17 -17.25 -10.21
CA PHE B 300 -6.55 -16.15 -9.33
C PHE B 300 -8.05 -16.04 -9.15
N SER B 301 -8.80 -16.28 -10.24
CA SER B 301 -10.27 -16.26 -10.22
C SER B 301 -10.86 -17.39 -9.44
N GLU B 302 -10.33 -18.61 -9.60
CA GLU B 302 -10.83 -19.77 -8.83
C GLU B 302 -10.60 -19.58 -7.34
N ALA B 303 -9.43 -19.05 -6.98
CA ALA B 303 -9.08 -18.78 -5.59
C ALA B 303 -10.04 -17.74 -5.00
N TRP B 304 -10.31 -16.70 -5.78
CA TRP B 304 -11.24 -15.61 -5.43
C TRP B 304 -12.64 -16.13 -5.23
N GLN B 305 -13.11 -17.00 -6.12
CA GLN B 305 -14.47 -17.58 -5.98
C GLN B 305 -14.57 -18.44 -4.72
N LYS B 306 -13.59 -19.34 -4.55
CA LYS B 306 -13.58 -20.34 -3.46
C LYS B 306 -13.27 -19.77 -2.07
N ASP B 307 -12.36 -18.80 -2.03
CA ASP B 307 -11.66 -18.45 -0.78
C ASP B 307 -11.59 -16.98 -0.40
N SER B 308 -12.30 -16.12 -1.09
CA SER B 308 -12.28 -14.70 -0.74
C SER B 308 -13.12 -14.40 0.52
N LEU B 309 -12.66 -13.44 1.32
CA LEU B 309 -13.30 -13.18 2.63
C LEU B 309 -14.21 -11.96 2.65
N ASP B 310 -14.09 -11.11 1.63
CA ASP B 310 -14.89 -9.89 1.63
C ASP B 310 -16.27 -10.07 1.04
N VAL B 311 -17.22 -9.40 1.69
CA VAL B 311 -18.61 -9.28 1.26
C VAL B 311 -18.79 -8.81 -0.20
N TYR B 312 -17.80 -8.07 -0.73
CA TYR B 312 -17.84 -7.53 -2.08
C TYR B 312 -17.39 -8.49 -3.21
N ALA B 313 -16.79 -9.61 -2.85
CA ALA B 313 -16.14 -10.51 -3.81
C ALA B 313 -17.04 -10.99 -4.96
N ASN B 314 -18.31 -11.24 -4.67
CA ASN B 314 -19.23 -11.78 -5.68
C ASN B 314 -20.14 -10.78 -6.40
N ILE B 315 -19.93 -9.48 -6.17
CA ILE B 315 -20.64 -8.47 -6.94
C ILE B 315 -20.10 -8.54 -8.37
N ASP B 316 -20.98 -8.76 -9.36
CA ASP B 316 -20.51 -8.91 -10.75
C ASP B 316 -19.77 -7.66 -11.21
N GLY B 317 -18.61 -7.88 -11.84
CA GLY B 317 -17.77 -6.78 -12.30
C GLY B 317 -16.59 -6.43 -11.40
N TYR B 318 -16.70 -6.75 -10.11
CA TYR B 318 -15.62 -6.45 -9.18
C TYR B 318 -14.34 -7.29 -9.46
N LEU B 319 -14.47 -8.62 -9.55
CA LEU B 319 -13.33 -9.47 -9.93
C LEU B 319 -12.75 -8.99 -11.25
N THR B 320 -13.63 -8.77 -12.23
CA THR B 320 -13.22 -8.33 -13.57
C THR B 320 -12.40 -7.02 -13.54
N ASP B 321 -12.87 -6.02 -12.78
CA ASP B 321 -12.18 -4.74 -12.67
C ASP B 321 -10.85 -4.89 -11.95
N THR B 322 -10.79 -5.81 -11.00
CA THR B 322 -9.58 -6.12 -10.24
C THR B 322 -8.55 -6.73 -11.17
N LEU B 323 -8.98 -7.71 -11.97
CA LEU B 323 -8.09 -8.31 -12.96
C LEU B 323 -7.63 -7.31 -14.01
N SER B 324 -8.47 -6.35 -14.37
CA SER B 324 -8.08 -5.32 -15.36
C SER B 324 -6.98 -4.43 -14.82
N HIS B 325 -7.05 -4.08 -13.54
CA HIS B 325 -5.99 -3.28 -12.88
C HIS B 325 -4.65 -4.02 -12.73
N ILE B 326 -4.71 -5.30 -12.31
CA ILE B 326 -3.55 -6.17 -12.24
C ILE B 326 -2.85 -6.26 -13.60
N PHE B 327 -3.64 -6.52 -14.64
CA PHE B 327 -3.16 -6.63 -16.01
C PHE B 327 -2.41 -5.40 -16.45
N GLU B 328 -3.01 -4.24 -16.22
CA GLU B 328 -2.45 -2.95 -16.63
C GLU B 328 -1.11 -2.69 -15.91
N GLU B 329 -1.12 -2.91 -14.60
CA GLU B 329 0.10 -2.75 -13.84
C GLU B 329 1.17 -3.72 -14.30
N ALA B 330 0.79 -5.00 -14.48
CA ALA B 330 1.71 -6.04 -14.95
C ALA B 330 2.42 -5.72 -16.25
N ILE B 331 1.66 -5.19 -17.21
CA ILE B 331 2.21 -4.73 -18.50
C ILE B 331 3.21 -3.59 -18.29
N GLY B 332 2.87 -2.63 -17.44
CA GLY B 332 3.76 -1.49 -17.13
C GLY B 332 5.03 -1.97 -16.43
N PHE B 333 4.88 -2.92 -15.50
CA PHE B 333 6.06 -3.47 -14.81
C PHE B 333 6.94 -4.27 -15.79
N ALA B 334 6.30 -5.07 -16.67
CA ALA B 334 7.01 -5.70 -17.84
C ALA B 334 7.84 -4.71 -18.70
N GLY B 335 7.26 -3.58 -19.10
CA GLY B 335 8.01 -2.55 -19.82
C GLY B 335 9.24 -2.03 -19.10
N CYS B 336 9.10 -1.73 -17.82
CA CYS B 336 10.20 -1.40 -16.94
C CYS B 336 11.30 -2.49 -16.92
N GLU B 337 10.90 -3.76 -16.75
CA GLU B 337 11.86 -4.88 -16.76
C GLU B 337 12.61 -5.02 -18.11
N LEU B 338 11.90 -4.87 -19.24
CA LEU B 338 12.52 -4.91 -20.56
C LEU B 338 13.60 -3.84 -20.73
N ILE B 339 13.28 -2.60 -20.41
CA ILE B 339 14.24 -1.51 -20.49
C ILE B 339 15.44 -1.68 -19.55
N ARG B 340 15.14 -2.00 -18.30
CA ARG B 340 16.08 -2.09 -17.20
C ARG B 340 17.19 -3.15 -17.42
N ARG B 341 16.75 -4.31 -17.93
CA ARG B 341 17.62 -5.43 -18.26
C ARG B 341 18.48 -5.20 -19.50
N THR B 342 18.11 -4.21 -20.31
CA THR B 342 18.83 -3.90 -21.53
C THR B 342 19.96 -2.88 -21.29
N ILE B 343 19.67 -1.86 -20.49
CA ILE B 343 20.65 -0.78 -20.32
C ILE B 343 21.06 -0.43 -18.88
N GLY B 344 20.49 -1.10 -17.89
CA GLY B 344 20.86 -0.81 -16.50
C GLY B 344 22.00 -1.70 -16.04
N LEU B 345 22.27 -1.72 -14.74
CA LEU B 345 23.36 -2.48 -14.14
C LEU B 345 23.27 -4.00 -14.40
N ALA B 346 22.11 -4.59 -14.15
CA ALA B 346 21.94 -6.06 -14.20
C ALA B 346 21.26 -6.49 -15.48
N HIS B 347 22.03 -7.14 -16.35
CA HIS B 347 21.54 -7.51 -17.67
C HIS B 347 21.05 -8.93 -17.66
N VAL B 348 20.59 -9.40 -18.81
CA VAL B 348 20.25 -10.79 -19.02
C VAL B 348 21.11 -11.39 -20.11
N ALA B 349 21.43 -12.68 -19.97
CA ALA B 349 22.29 -13.35 -20.94
C ALA B 349 21.62 -13.50 -22.30
N ASP B 350 20.29 -13.59 -22.30
CA ASP B 350 19.51 -13.69 -23.55
C ASP B 350 19.95 -12.63 -24.55
N LEU B 351 20.06 -11.39 -24.09
CA LEU B 351 20.44 -10.26 -24.93
C LEU B 351 21.95 -10.12 -25.09
N ASP B 352 22.69 -10.32 -23.99
CA ASP B 352 24.14 -10.08 -23.99
C ASP B 352 24.95 -11.09 -24.78
N THR B 353 24.37 -12.24 -25.11
CA THR B 353 25.07 -13.28 -25.88
C THR B 353 24.62 -13.38 -27.33
N ILE B 354 23.62 -12.60 -27.73
CA ILE B 354 23.24 -12.49 -29.15
C ILE B 354 24.45 -12.10 -30.00
N VAL B 355 24.66 -12.83 -31.10
CA VAL B 355 25.71 -12.54 -32.08
C VAL B 355 25.06 -12.41 -33.48
N PRO B 356 25.63 -11.58 -34.37
CA PRO B 356 26.79 -10.68 -34.19
C PRO B 356 26.48 -9.45 -33.32
N PHE B 357 27.53 -8.68 -33.02
CA PHE B 357 27.39 -7.44 -32.23
C PHE B 357 26.22 -6.56 -32.75
N ASP B 358 26.13 -6.39 -34.07
CA ASP B 358 25.14 -5.50 -34.68
C ASP B 358 23.71 -5.96 -34.49
N LYS B 359 23.49 -7.26 -34.57
CA LYS B 359 22.19 -7.85 -34.33
C LYS B 359 21.84 -7.69 -32.85
N ARG B 360 22.82 -7.91 -31.96
CA ARG B 360 22.65 -7.65 -30.53
C ARG B 360 22.18 -6.23 -30.26
N ILE B 361 22.84 -5.23 -30.84
CA ILE B 361 22.39 -3.83 -30.66
C ILE B 361 20.95 -3.60 -31.15
N GLY B 362 20.60 -4.17 -32.31
CA GLY B 362 19.29 -4.04 -32.90
C GLY B 362 18.22 -4.66 -32.03
N ARG B 363 18.52 -5.81 -31.43
CA ARG B 363 17.59 -6.48 -30.56
C ARG B 363 17.50 -5.75 -29.23
N LYS B 364 18.58 -5.10 -28.80
CA LYS B 364 18.52 -4.30 -27.57
C LYS B 364 17.72 -3.01 -27.76
N ARG B 365 17.86 -2.37 -28.92
CA ARG B 365 16.96 -1.28 -29.35
C ARG B 365 15.48 -1.67 -29.28
N LEU B 366 15.13 -2.85 -29.79
CA LEU B 366 13.75 -3.32 -29.75
C LEU B 366 13.23 -3.59 -28.35
N ALA B 367 14.12 -4.00 -27.44
CA ALA B 367 13.81 -4.15 -26.02
C ALA B 367 13.41 -2.82 -25.38
N LEU B 368 14.23 -1.79 -25.61
CA LEU B 368 13.91 -0.42 -25.18
C LEU B 368 12.58 0.10 -25.72
N GLU B 369 12.35 -0.07 -27.02
CA GLU B 369 11.14 0.42 -27.69
C GLU B 369 9.85 -0.37 -27.34
N THR B 370 9.96 -1.67 -27.19
CA THR B 370 8.80 -2.47 -26.75
C THR B 370 8.49 -2.21 -25.27
N GLY B 371 9.52 -1.94 -24.47
CA GLY B 371 9.34 -1.60 -23.06
C GLY B 371 8.65 -0.25 -22.93
N THR B 372 9.10 0.72 -23.71
CA THR B 372 8.51 2.05 -23.75
C THR B 372 7.03 2.01 -24.12
N ALA B 373 6.71 1.27 -25.17
CA ALA B 373 5.32 1.11 -25.61
C ALA B 373 4.47 0.44 -24.52
N PHE B 374 5.03 -0.58 -23.87
CA PHE B 374 4.34 -1.32 -22.79
C PHE B 374 3.99 -0.39 -21.63
N ILE B 375 4.96 0.41 -21.18
CA ILE B 375 4.69 1.39 -20.14
C ILE B 375 3.60 2.39 -20.58
N GLU B 376 3.74 2.99 -21.76
CA GLU B 376 2.82 4.04 -22.21
C GLU B 376 1.41 3.57 -22.58
N LYS B 377 1.29 2.33 -23.04
CA LYS B 377 0.02 1.81 -23.56
C LYS B 377 -0.65 0.86 -22.62
N ARG B 378 -0.04 0.64 -21.45
CA ARG B 378 -0.47 -0.43 -20.54
C ARG B 378 -1.96 -0.52 -20.28
N SER B 379 -2.64 0.63 -20.27
CA SER B 379 -4.04 0.72 -19.95
C SER B 379 -4.94 0.68 -21.19
N GLU B 380 -4.34 0.58 -22.36
CA GLU B 380 -5.10 0.49 -23.61
C GLU B 380 -5.30 -0.96 -24.05
N PHE B 381 -4.38 -1.86 -23.70
CA PHE B 381 -4.52 -3.27 -24.06
C PHE B 381 -5.75 -3.84 -23.37
N LYS B 382 -6.48 -4.68 -24.08
CA LYS B 382 -7.68 -5.29 -23.52
C LYS B 382 -7.42 -6.74 -23.12
N THR B 383 -6.54 -7.41 -23.87
CA THR B 383 -6.20 -8.80 -23.60
C THR B 383 -4.69 -9.04 -23.75
N ILE B 384 -4.21 -10.18 -23.26
CA ILE B 384 -2.80 -10.59 -23.43
C ILE B 384 -2.39 -10.69 -24.92
N THR B 385 -3.32 -11.15 -25.76
CA THR B 385 -3.17 -11.20 -27.22
C THR B 385 -2.81 -9.83 -27.83
N ASP B 386 -3.44 -8.76 -27.35
CA ASP B 386 -3.05 -7.40 -27.77
C ASP B 386 -1.60 -7.10 -27.42
N VAL B 387 -1.15 -7.55 -26.26
CA VAL B 387 0.24 -7.37 -25.84
C VAL B 387 1.23 -8.11 -26.76
N ILE B 388 1.01 -9.41 -26.95
CA ILE B 388 1.78 -10.22 -27.89
C ILE B 388 1.76 -9.64 -29.32
N GLU B 389 0.56 -9.40 -29.87
CA GLU B 389 0.43 -8.83 -31.23
C GLU B 389 1.16 -7.50 -31.42
N LEU B 390 1.07 -6.59 -30.44
CA LEU B 390 1.83 -5.34 -30.49
C LEU B 390 3.34 -5.61 -30.56
N PHE B 391 3.81 -6.48 -29.67
CA PHE B 391 5.23 -6.87 -29.60
C PHE B 391 5.71 -7.47 -30.93
N LYS B 392 5.01 -8.46 -31.44
CA LYS B 392 5.31 -9.08 -32.74
C LYS B 392 5.44 -8.05 -33.87
N LEU B 393 4.51 -7.11 -33.92
CA LEU B 393 4.52 -6.03 -34.89
C LEU B 393 5.79 -5.17 -34.78
N LEU B 394 6.08 -4.72 -33.56
CA LEU B 394 7.22 -3.83 -33.35
C LEU B 394 8.56 -4.53 -33.66
N VAL B 395 8.61 -5.85 -33.42
CA VAL B 395 9.86 -6.61 -33.57
C VAL B 395 10.01 -7.27 -34.94
N LYS B 396 9.04 -7.05 -35.83
CA LYS B 396 9.14 -7.49 -37.22
C LYS B 396 10.42 -6.96 -37.87
MG MG C . -10.73 9.05 20.65
C1 CPS D . -22.61 14.85 -15.08
C2 CPS D . -21.67 15.45 -14.03
C3 CPS D . -22.96 17.73 -14.15
C4 CPS D . -23.08 19.34 -14.33
C5 CPS D . -22.25 20.02 -13.25
C6 CPS D . -20.82 19.46 -13.34
C7 CPS D . -19.93 20.30 -12.48
C8 CPS D . -20.48 21.78 -12.84
C9 CPS D . -22.07 21.45 -13.13
C10 CPS D . -22.83 19.55 -11.85
C11 CPS D . -22.05 15.04 -12.54
C12 CPS D . -22.17 14.94 -16.55
C13 CPS D . -20.80 14.43 -16.86
C14 CPS D . -19.73 15.02 -15.87
C15 CPS D . -20.20 14.97 -14.34
C16 CPS D . -19.16 15.65 -13.55
C17 CPS D . -19.11 17.17 -13.47
C18 CPS D . -20.54 17.95 -13.20
C19 CPS D . -21.61 17.03 -14.17
C20 CPS D . -23.14 22.66 -13.14
C21 CPS D . -24.33 22.45 -14.02
C22 CPS D . -22.58 24.09 -13.47
C23 CPS D . -22.57 25.12 -12.27
C24 CPS D . -22.37 26.56 -12.53
N1 CPS D . -22.33 27.44 -11.55
O1 CPS D . -22.26 27.00 -13.67
O2 CPS D . -20.32 14.70 -18.19
O3 CPS D . -18.64 17.74 -14.69
O4 CPS D . -22.53 19.53 -15.64
PG ACP E . -13.62 9.98 20.80
O1G ACP E . -14.05 8.62 21.23
O2G ACP E . -12.47 9.95 19.82
O3G ACP E . -14.79 10.79 20.16
PB ACP E . -11.81 11.03 23.00
O1B ACP E . -11.99 10.21 24.21
O2B ACP E . -10.66 10.60 22.12
C3B ACP E . -13.14 11.05 22.16
PA ACP E . -11.00 13.84 22.71
O1A ACP E . -9.49 13.92 22.60
O2A ACP E . -11.74 14.04 21.42
O3A ACP E . -11.38 12.50 23.43
O5' ACP E . -11.36 14.98 23.75
C5' ACP E . -12.67 14.96 24.44
C4' ACP E . -13.03 16.35 24.97
O4' ACP E . -12.07 16.64 26.02
C3' ACP E . -12.81 17.52 24.00
O3' ACP E . -13.92 17.66 23.09
C2' ACP E . -12.52 18.67 24.99
O2' ACP E . -13.69 19.32 25.57
C1' ACP E . -11.63 17.99 26.07
N9 ACP E . -10.18 18.10 25.60
C8 ACP E . -9.41 17.17 24.94
N7 ACP E . -8.18 17.59 24.64
C5 ACP E . -8.15 18.85 25.13
C6 ACP E . -7.12 19.84 25.11
N6 ACP E . -5.94 19.69 24.61
N1 ACP E . -7.47 21.04 25.71
C2 ACP E . -8.72 21.29 26.28
N3 ACP E . -9.70 20.38 26.29
C4 ACP E . -9.38 19.20 25.72
CS SR1 F . -16.08 2.60 17.20
S SR1 F . -15.57 4.28 16.91
C5 SR1 F . -16.82 5.00 15.89
C4 SR1 F . -16.25 6.22 15.17
O4 SR1 F . -15.67 7.18 16.09
C1 SR1 F . -14.38 7.59 15.60
O1 SR1 F . -14.23 9.01 15.66
C2 SR1 F . -14.31 7.12 14.17
O2 SR1 F . -14.89 8.10 13.28
C3 SR1 F . -15.13 5.86 14.20
O3 SR1 F . -15.62 5.52 12.91
MG MG G . 19.84 -14.34 -4.77
CS SR1 H . 22.51 -5.52 -7.39
S SR1 H . 21.45 -6.95 -7.57
C5 SR1 H . 20.96 -6.78 -9.27
C4 SR1 H . 19.78 -7.69 -9.64
O4 SR1 H . 20.01 -9.02 -9.20
C1 SR1 H . 18.80 -9.59 -8.65
O1 SR1 H . 18.58 -10.92 -9.18
C2 SR1 H . 17.70 -8.60 -8.98
O2 SR1 H . 17.05 -8.83 -10.27
C3 SR1 H . 18.48 -7.29 -8.97
O3 SR1 H . 17.84 -6.21 -9.63
PG ACP I . 21.88 -14.20 -7.14
O1G ACP I . 22.84 -13.61 -6.15
O2G ACP I . 20.44 -13.84 -6.92
O3G ACP I . 22.29 -13.91 -8.61
PB ACP I . 22.00 -16.59 -5.41
O1B ACP I . 23.30 -16.55 -4.70
O2B ACP I . 20.84 -16.00 -4.66
C3B ACP I . 22.05 -15.97 -6.83
PA ACP I . 20.70 -19.08 -6.19
O1A ACP I . 19.66 -19.57 -5.18
O2A ACP I . 20.18 -18.52 -7.48
O3A ACP I . 21.69 -18.15 -5.43
O5' ACP I . 21.62 -20.33 -6.46
C5' ACP I . 22.84 -20.26 -7.25
C4' ACP I . 22.99 -21.60 -7.96
O4' ACP I . 23.05 -22.59 -6.89
C3' ACP I . 21.80 -22.09 -8.80
O3' ACP I . 21.86 -21.51 -10.12
C2' ACP I . 22.00 -23.63 -8.73
O2' ACP I . 22.99 -24.13 -9.68
C1' ACP I . 22.46 -23.86 -7.24
N9 ACP I . 21.24 -24.14 -6.39
C8 ACP I . 20.53 -23.22 -5.64
N7 ACP I . 19.47 -23.75 -4.99
C5 ACP I . 19.51 -25.05 -5.35
C6 ACP I . 18.63 -26.12 -4.97
N6 ACP I . 17.62 -25.98 -4.18
N1 ACP I . 18.98 -27.34 -5.53
C2 ACP I . 20.08 -27.52 -6.38
N3 ACP I . 20.91 -26.52 -6.74
C4 ACP I . 20.59 -25.33 -6.21
#